data_1XU7
#
_entry.id   1XU7
#
_cell.length_a   56.430
_cell.length_b   159.625
_cell.length_c   73.544
_cell.angle_alpha   90.00
_cell.angle_beta   93.07
_cell.angle_gamma   90.00
#
_symmetry.space_group_name_H-M   'P 1 21 1'
#
loop_
_entity.id
_entity.type
_entity.pdbx_description
1 polymer 'Corticosteroid 11-beta-dehydrogenase, isozyme 1'
2 non-polymer 'NADPH DIHYDRO-NICOTINAMIDE-ADENINE-DINUCLEOTIDE PHOSPHATE'
3 non-polymer 3-[(3-CHOLAMIDOPROPYL)DIMETHYLAMMONIO]-1-PROPANESULFONATE
4 water water
#
_entity_poly.entity_id   1
_entity_poly.type   'polypeptide(L)'
_entity_poly.pdbx_seq_one_letter_code
;MKHQHQHQHQHQHQQPLNEEFRPEMLQGKKVIVTGASKGIGREMAYHLAKMGAHVVVTARSKETLQKVVSHCLELGAASA
HYIAGTMEDMTFAEQFVAQAGKLMGGLDMLILNHITNTSLNLFHDDIHHVRKSMEVNFLSYVVLTVAALPMLKQSNGSIV
VVSSLAGKVAYPMVAAYSASKFALDGFFSSIRKEYSVSRVNVSITLCVLGLIDTETAMKAVSGIVHMQAAPKEECALEII
KGGALRQEEVYYDSSLWTTLLIRNPSRKILEFLYSTSYNMDRFINK
;
_entity_poly.pdbx_strand_id   A,B,C,D
#
loop_
_chem_comp.id
_chem_comp.type
_chem_comp.name
_chem_comp.formula
CPS non-polymer 3-[(3-CHOLAMIDOPROPYL)DIMETHYLAMMONIO]-1-PROPANESULFONATE 'C32 H58 N2 O7 S'
NDP non-polymer 'NADPH DIHYDRO-NICOTINAMIDE-ADENINE-DINUCLEOTIDE PHOSPHATE' 'C21 H30 N7 O17 P3'
#
# COMPACT_ATOMS: atom_id res chain seq x y z
N GLN A 15 5.32 -12.48 21.31
CA GLN A 15 6.74 -12.77 20.98
C GLN A 15 6.90 -14.18 20.40
N PRO A 16 7.17 -14.28 19.11
CA PRO A 16 7.36 -15.58 18.44
C PRO A 16 8.72 -16.19 18.76
N LEU A 17 8.83 -17.51 18.64
CA LEU A 17 10.10 -18.20 18.86
C LEU A 17 11.00 -18.02 17.63
N ASN A 18 12.20 -17.48 17.86
CA ASN A 18 13.16 -17.24 16.80
C ASN A 18 13.98 -18.49 16.47
N GLU A 19 13.26 -19.56 16.13
CA GLU A 19 13.87 -20.84 15.79
C GLU A 19 13.09 -21.51 14.65
N GLU A 20 13.75 -22.44 13.96
CA GLU A 20 13.08 -23.29 12.98
C GLU A 20 12.23 -24.32 13.72
N PHE A 21 11.10 -24.69 13.11
CA PHE A 21 10.24 -25.71 13.68
C PHE A 21 10.91 -27.07 13.69
N ARG A 22 10.78 -27.77 14.81
CA ARG A 22 11.19 -29.18 14.93
C ARG A 22 9.98 -29.97 15.41
N PRO A 23 9.74 -31.15 14.81
CA PRO A 23 8.63 -32.01 15.24
C PRO A 23 8.73 -32.38 16.73
N GLU A 24 9.95 -32.35 17.27
CA GLU A 24 10.22 -32.66 18.66
C GLU A 24 9.63 -31.63 19.63
N MET A 25 9.29 -30.46 19.11
CA MET A 25 8.64 -29.41 19.91
C MET A 25 7.29 -29.84 20.47
N LEU A 26 6.67 -30.83 19.82
CA LEU A 26 5.35 -31.31 20.23
C LEU A 26 5.42 -32.62 21.01
N GLN A 27 6.61 -33.23 21.07
CA GLN A 27 6.80 -34.48 21.79
C GLN A 27 6.41 -34.31 23.27
N GLY A 28 5.44 -35.12 23.70
CA GLY A 28 4.98 -35.12 25.08
C GLY A 28 4.13 -33.91 25.45
N LYS A 29 3.85 -33.05 24.48
CA LYS A 29 2.99 -31.90 24.73
C LYS A 29 1.54 -32.34 24.80
N LYS A 30 0.76 -31.64 25.61
CA LYS A 30 -0.64 -31.98 25.85
C LYS A 30 -1.51 -31.04 25.06
N VAL A 31 -2.21 -31.59 24.07
CA VAL A 31 -2.92 -30.81 23.08
C VAL A 31 -4.38 -31.23 22.95
N ILE A 32 -5.27 -30.24 22.95
CA ILE A 32 -6.66 -30.43 22.58
C ILE A 32 -6.86 -30.00 21.13
N VAL A 33 -7.55 -30.82 20.35
CA VAL A 33 -8.00 -30.42 19.02
C VAL A 33 -9.51 -30.58 18.93
N THR A 34 -10.20 -29.48 18.63
CA THR A 34 -11.63 -29.56 18.41
C THR A 34 -11.93 -29.70 16.92
N GLY A 35 -13.15 -30.13 16.59
CA GLY A 35 -13.52 -30.42 15.22
C GLY A 35 -12.55 -31.40 14.57
N ALA A 36 -12.19 -32.44 15.32
CA ALA A 36 -11.07 -33.29 14.95
C ALA A 36 -11.45 -34.67 14.43
N SER A 37 -12.73 -34.84 14.09
CA SER A 37 -13.21 -36.11 13.55
C SER A 37 -12.96 -36.25 12.04
N LYS A 38 -12.75 -35.11 11.38
CA LYS A 38 -12.48 -35.10 9.94
C LYS A 38 -11.78 -33.80 9.56
N GLY A 39 -11.53 -33.64 8.26
CA GLY A 39 -10.95 -32.41 7.73
C GLY A 39 -9.60 -32.06 8.32
N ILE A 40 -9.37 -30.76 8.49
CA ILE A 40 -8.09 -30.25 8.99
C ILE A 40 -7.84 -30.70 10.44
N GLY A 41 -8.90 -30.73 11.24
CA GLY A 41 -8.82 -31.14 12.63
C GLY A 41 -8.25 -32.53 12.79
N ARG A 42 -8.79 -33.47 12.02
CA ARG A 42 -8.31 -34.85 12.03
C ARG A 42 -6.83 -34.92 11.61
N GLU A 43 -6.49 -34.18 10.55
CA GLU A 43 -5.11 -34.13 10.07
C GLU A 43 -4.16 -33.56 11.12
N MET A 44 -4.65 -32.58 11.89
CA MET A 44 -3.87 -32.00 12.98
C MET A 44 -3.63 -33.04 14.07
N ALA A 45 -4.69 -33.76 14.43
CA ALA A 45 -4.57 -34.84 15.41
C ALA A 45 -3.54 -35.87 14.96
N TYR A 46 -3.56 -36.21 13.67
CA TYR A 46 -2.64 -37.19 13.10
C TYR A 46 -1.19 -36.71 13.12
N HIS A 47 -0.99 -35.42 12.82
CA HIS A 47 0.36 -34.84 12.86
C HIS A 47 0.90 -34.85 14.28
N LEU A 48 0.06 -34.44 15.22
CA LEU A 48 0.43 -34.43 16.64
C LEU A 48 0.74 -35.83 17.16
N ALA A 49 -0.04 -36.80 16.71
CA ALA A 49 0.20 -38.22 17.00
C ALA A 49 1.58 -38.65 16.51
N LYS A 50 1.89 -38.35 15.25
CA LYS A 50 3.18 -38.66 14.65
C LYS A 50 4.32 -38.01 15.44
N MET A 51 4.06 -36.82 16.00
CA MET A 51 5.06 -36.09 16.77
C MET A 51 5.17 -36.58 18.22
N GLY A 52 4.31 -37.53 18.60
CA GLY A 52 4.36 -38.11 19.93
C GLY A 52 3.73 -37.26 21.02
N ALA A 53 2.76 -36.43 20.63
CA ALA A 53 2.03 -35.60 21.58
C ALA A 53 0.95 -36.40 22.30
N HIS A 54 0.51 -35.88 23.44
CA HIS A 54 -0.72 -36.35 24.08
C HIS A 54 -1.86 -35.56 23.45
N VAL A 55 -2.86 -36.26 22.92
CA VAL A 55 -3.96 -35.60 22.23
C VAL A 55 -5.32 -35.98 22.81
N VAL A 56 -6.16 -34.97 23.01
CA VAL A 56 -7.58 -35.19 23.25
C VAL A 56 -8.35 -34.53 22.11
N VAL A 57 -9.17 -35.32 21.42
CA VAL A 57 -9.92 -34.84 20.27
C VAL A 57 -11.41 -34.77 20.58
N THR A 58 -12.10 -33.86 19.90
CA THR A 58 -13.54 -33.74 20.11
C THR A 58 -14.28 -33.35 18.84
N ALA A 59 -15.57 -33.66 18.85
CA ALA A 59 -16.53 -33.44 17.78
C ALA A 59 -17.80 -34.07 18.33
N ARG A 60 -18.90 -34.01 17.58
CA ARG A 60 -20.15 -34.59 18.08
C ARG A 60 -20.21 -36.12 17.99
N SER A 61 -19.60 -36.68 16.96
CA SER A 61 -19.76 -38.10 16.63
C SER A 61 -18.68 -38.98 17.25
N LYS A 62 -19.09 -39.80 18.21
CA LYS A 62 -18.18 -40.76 18.83
C LYS A 62 -17.61 -41.76 17.82
N GLU A 63 -18.44 -42.14 16.85
CA GLU A 63 -18.06 -43.15 15.84
C GLU A 63 -16.85 -42.70 15.01
N THR A 64 -16.86 -41.45 14.55
CA THR A 64 -15.75 -40.95 13.76
C THR A 64 -14.54 -40.63 14.64
N LEU A 65 -14.80 -40.13 15.84
CA LEU A 65 -13.74 -39.84 16.81
C LEU A 65 -12.98 -41.10 17.21
N GLN A 66 -13.70 -42.21 17.34
CA GLN A 66 -13.09 -43.50 17.65
C GLN A 66 -12.02 -43.89 16.61
N LYS A 67 -12.34 -43.65 15.34
CA LYS A 67 -11.42 -43.94 14.23
C LYS A 67 -10.17 -43.05 14.28
N VAL A 68 -10.38 -41.78 14.62
CA VAL A 68 -9.27 -40.83 14.76
C VAL A 68 -8.35 -41.26 15.91
N VAL A 69 -8.93 -41.61 17.05
CA VAL A 69 -8.15 -42.04 18.22
C VAL A 69 -7.34 -43.30 17.90
N SER A 70 -7.98 -44.28 17.29
CA SER A 70 -7.33 -45.53 16.91
C SER A 70 -6.11 -45.27 16.03
N HIS A 71 -6.28 -44.42 15.02
CA HIS A 71 -5.16 -44.11 14.12
C HIS A 71 -4.07 -43.28 14.79
N CYS A 72 -4.46 -42.37 15.67
CA CYS A 72 -3.50 -41.59 16.45
C CYS A 72 -2.56 -42.50 17.25
N LEU A 73 -3.13 -43.51 17.91
CA LEU A 73 -2.34 -44.47 18.66
C LEU A 73 -1.37 -45.23 17.75
N GLU A 74 -1.87 -45.63 16.58
CA GLU A 74 -1.08 -46.32 15.57
C GLU A 74 0.10 -45.48 15.08
N LEU A 75 -0.13 -44.17 14.95
CA LEU A 75 0.86 -43.23 14.46
C LEU A 75 1.94 -42.91 15.49
N GLY A 76 1.65 -43.21 16.76
CA GLY A 76 2.63 -43.07 17.82
C GLY A 76 2.36 -41.94 18.81
N ALA A 77 1.10 -41.59 18.99
CA ALA A 77 0.72 -40.60 20.01
C ALA A 77 1.13 -41.11 21.38
N ALA A 78 1.59 -40.21 22.25
CA ALA A 78 1.93 -40.57 23.62
C ALA A 78 0.67 -41.08 24.32
N SER A 79 -0.45 -40.43 24.02
CA SER A 79 -1.78 -40.88 24.39
C SER A 79 -2.79 -40.23 23.43
N ALA A 80 -3.94 -40.88 23.27
CA ALA A 80 -5.00 -40.32 22.42
C ALA A 80 -6.35 -40.71 23.00
N HIS A 81 -7.23 -39.73 23.12
CA HIS A 81 -8.57 -39.95 23.66
C HIS A 81 -9.53 -38.99 23.00
N TYR A 82 -10.81 -39.36 23.00
CA TYR A 82 -11.85 -38.45 22.54
C TYR A 82 -12.86 -38.20 23.66
N ILE A 83 -13.49 -37.04 23.60
CA ILE A 83 -14.69 -36.76 24.38
C ILE A 83 -15.67 -36.14 23.39
N ALA A 84 -16.84 -36.75 23.24
CA ALA A 84 -17.80 -36.32 22.24
C ALA A 84 -18.84 -35.38 22.82
N GLY A 85 -19.25 -34.40 22.01
CA GLY A 85 -20.31 -33.49 22.40
C GLY A 85 -20.43 -32.34 21.44
N THR A 86 -21.46 -31.53 21.64
CA THR A 86 -21.68 -30.38 20.77
C THR A 86 -21.23 -29.08 21.43
N MET A 87 -20.53 -28.26 20.65
CA MET A 87 -20.08 -26.96 21.12
C MET A 87 -21.18 -25.90 21.02
N GLU A 88 -22.41 -26.34 20.75
CA GLU A 88 -23.60 -25.50 20.93
C GLU A 88 -23.88 -25.38 22.43
N ASP A 89 -23.37 -26.36 23.17
CA ASP A 89 -23.58 -26.47 24.60
C ASP A 89 -22.36 -25.92 25.33
N MET A 90 -22.51 -24.74 25.91
CA MET A 90 -21.40 -24.06 26.57
C MET A 90 -20.94 -24.80 27.83
N THR A 91 -21.87 -25.53 28.46
CA THR A 91 -21.54 -26.36 29.62
C THR A 91 -20.64 -27.51 29.22
N PHE A 92 -20.95 -28.14 28.09
CA PHE A 92 -20.08 -29.18 27.56
C PHE A 92 -18.69 -28.62 27.26
N ALA A 93 -18.64 -27.47 26.58
CA ALA A 93 -17.38 -26.83 26.24
C ALA A 93 -16.50 -26.66 27.48
N GLU A 94 -17.06 -26.07 28.52
CA GLU A 94 -16.38 -25.84 29.77
C GLU A 94 -15.94 -27.15 30.43
N GLN A 95 -16.87 -28.10 30.50
CA GLN A 95 -16.59 -29.38 31.15
C GLN A 95 -15.57 -30.20 30.36
N PHE A 96 -15.65 -30.11 29.03
CA PHE A 96 -14.74 -30.83 28.14
C PHE A 96 -13.28 -30.46 28.43
N VAL A 97 -13.00 -29.16 28.50
CA VAL A 97 -11.63 -28.69 28.76
C VAL A 97 -11.11 -29.21 30.09
N ALA A 98 -11.95 -29.09 31.13
CA ALA A 98 -11.58 -29.57 32.46
C ALA A 98 -11.26 -31.06 32.45
N GLN A 99 -12.10 -31.82 31.76
CA GLN A 99 -11.93 -33.27 31.65
C GLN A 99 -10.66 -33.64 30.88
N ALA A 100 -10.49 -33.03 29.70
CA ALA A 100 -9.33 -33.26 28.86
C ALA A 100 -8.04 -32.91 29.60
N GLY A 101 -8.04 -31.74 30.25
CA GLY A 101 -6.89 -31.29 31.02
C GLY A 101 -6.55 -32.20 32.19
N LYS A 102 -7.55 -32.63 32.94
CA LYS A 102 -7.35 -33.56 34.05
C LYS A 102 -6.80 -34.91 33.56
N LEU A 103 -7.31 -35.37 32.42
CA LEU A 103 -6.88 -36.64 31.85
C LEU A 103 -5.40 -36.60 31.47
N MET A 104 -4.99 -35.54 30.78
CA MET A 104 -3.61 -35.40 30.32
C MET A 104 -2.68 -34.90 31.42
N GLY A 105 -3.25 -34.33 32.48
CA GLY A 105 -2.47 -33.77 33.58
C GLY A 105 -1.92 -32.40 33.23
N GLY A 106 -2.68 -31.64 32.46
CA GLY A 106 -2.28 -30.30 32.05
C GLY A 106 -2.67 -30.04 30.60
N LEU A 107 -2.28 -28.86 30.12
CA LEU A 107 -2.58 -28.46 28.75
C LEU A 107 -1.52 -27.51 28.22
N ASP A 108 -0.97 -27.85 27.06
CA ASP A 108 0.08 -27.05 26.43
C ASP A 108 -0.44 -26.26 25.25
N MET A 109 -1.40 -26.84 24.53
CA MET A 109 -1.94 -26.20 23.34
C MET A 109 -3.42 -26.50 23.17
N LEU A 110 -4.17 -25.44 22.92
CA LEU A 110 -5.59 -25.52 22.65
C LEU A 110 -5.83 -25.13 21.21
N ILE A 111 -6.17 -26.11 20.37
CA ILE A 111 -6.44 -25.86 18.96
C ILE A 111 -7.94 -25.84 18.73
N LEU A 112 -8.44 -24.65 18.43
CA LEU A 112 -9.86 -24.39 18.24
C LEU A 112 -10.16 -24.34 16.75
N ASN A 113 -10.90 -25.33 16.27
CA ASN A 113 -11.00 -25.63 14.85
C ASN A 113 -12.43 -25.92 14.38
N HIS A 114 -13.27 -26.39 15.30
CA HIS A 114 -14.64 -26.76 14.95
C HIS A 114 -15.46 -25.58 14.42
N ILE A 115 -16.40 -25.88 13.53
CA ILE A 115 -17.42 -24.94 13.09
C ILE A 115 -18.74 -25.68 13.01
N THR A 116 -19.83 -24.93 13.09
CA THR A 116 -21.14 -25.49 12.80
C THR A 116 -21.26 -25.68 11.29
N ASN A 117 -22.07 -26.67 10.88
CA ASN A 117 -22.25 -26.94 9.46
C ASN A 117 -22.64 -25.69 8.68
N THR A 118 -21.86 -25.38 7.65
CA THR A 118 -22.11 -24.24 6.80
C THR A 118 -21.99 -24.65 5.34
N SER A 119 -23.01 -24.30 4.56
CA SER A 119 -22.96 -24.42 3.12
C SER A 119 -23.15 -23.04 2.50
N LEU A 120 -22.81 -22.90 1.23
CA LEU A 120 -22.92 -21.62 0.54
C LEU A 120 -24.36 -21.34 0.12
N ASN A 121 -24.98 -20.35 0.77
CA ASN A 121 -26.31 -19.89 0.42
C ASN A 121 -26.51 -18.41 0.73
N LEU A 122 -27.36 -17.75 -0.04
CA LEU A 122 -27.75 -16.37 0.26
C LEU A 122 -28.38 -16.30 1.64
N PHE A 123 -28.09 -15.22 2.37
CA PHE A 123 -28.79 -14.97 3.62
C PHE A 123 -30.26 -14.81 3.33
N HIS A 124 -31.09 -15.60 3.99
CA HIS A 124 -32.53 -15.66 3.72
C HIS A 124 -33.36 -15.56 5.01
N ASP A 125 -33.06 -14.53 5.81
CA ASP A 125 -33.75 -14.25 7.07
C ASP A 125 -33.58 -15.35 8.12
N ASP A 126 -32.60 -16.21 7.92
CA ASP A 126 -32.32 -17.31 8.85
C ASP A 126 -31.50 -16.83 10.04
N ILE A 127 -32.13 -16.00 10.88
CA ILE A 127 -31.48 -15.49 12.09
C ILE A 127 -31.00 -16.64 12.97
N HIS A 128 -31.77 -17.72 13.02
CA HIS A 128 -31.37 -18.91 13.78
C HIS A 128 -29.99 -19.43 13.39
N HIS A 129 -29.65 -19.34 12.09
CA HIS A 129 -28.36 -19.78 11.61
C HIS A 129 -27.26 -18.80 11.97
N VAL A 130 -27.59 -17.51 11.95
CA VAL A 130 -26.66 -16.48 12.39
C VAL A 130 -26.31 -16.72 13.85
N ARG A 131 -27.34 -16.92 14.68
CA ARG A 131 -27.15 -17.17 16.11
C ARG A 131 -26.33 -18.42 16.37
N LYS A 132 -26.69 -19.52 15.71
CA LYS A 132 -25.95 -20.77 15.87
C LYS A 132 -24.49 -20.62 15.44
N SER A 133 -24.26 -19.94 14.34
CA SER A 133 -22.89 -19.70 13.86
C SER A 133 -22.10 -18.92 14.90
N MET A 134 -22.71 -17.89 15.49
CA MET A 134 -22.04 -17.09 16.51
C MET A 134 -21.77 -17.91 17.77
N GLU A 135 -22.74 -18.75 18.15
CA GLU A 135 -22.58 -19.61 19.33
C GLU A 135 -21.48 -20.66 19.15
N VAL A 136 -21.58 -21.44 18.07
CA VAL A 136 -20.64 -22.54 17.84
C VAL A 136 -19.26 -22.04 17.39
N ASN A 137 -19.26 -21.17 16.38
CA ASN A 137 -17.99 -20.76 15.77
C ASN A 137 -17.21 -19.73 16.57
N PHE A 138 -17.91 -18.97 17.40
CA PHE A 138 -17.24 -17.90 18.14
C PHE A 138 -17.34 -18.07 19.65
N LEU A 139 -18.56 -18.06 20.19
CA LEU A 139 -18.74 -18.03 21.63
C LEU A 139 -18.13 -19.24 22.32
N SER A 140 -18.26 -20.42 21.70
CA SER A 140 -17.68 -21.63 22.27
C SER A 140 -16.16 -21.55 22.34
N TYR A 141 -15.54 -20.87 21.37
CA TYR A 141 -14.09 -20.67 21.38
C TYR A 141 -13.67 -19.86 22.60
N VAL A 142 -14.45 -18.82 22.91
CA VAL A 142 -14.23 -18.00 24.09
C VAL A 142 -14.38 -18.83 25.37
N VAL A 143 -15.47 -19.58 25.45
CA VAL A 143 -15.73 -20.45 26.60
C VAL A 143 -14.61 -21.50 26.79
N LEU A 144 -14.17 -22.10 25.69
CA LEU A 144 -13.07 -23.08 25.74
C LEU A 144 -11.78 -22.42 26.21
N THR A 145 -11.57 -21.19 25.77
CA THR A 145 -10.38 -20.41 26.14
C THR A 145 -10.37 -20.06 27.64
N VAL A 146 -11.49 -19.55 28.15
CA VAL A 146 -11.63 -19.24 29.57
C VAL A 146 -11.36 -20.50 30.41
N ALA A 147 -11.93 -21.62 29.99
CA ALA A 147 -11.75 -22.90 30.67
C ALA A 147 -10.30 -23.40 30.65
N ALA A 148 -9.60 -23.13 29.54
CA ALA A 148 -8.26 -23.64 29.32
C ALA A 148 -7.16 -22.75 29.90
N LEU A 149 -7.48 -21.47 30.07
CA LEU A 149 -6.45 -20.48 30.39
C LEU A 149 -5.58 -20.76 31.64
N PRO A 150 -6.18 -21.16 32.77
CA PRO A 150 -5.39 -21.53 33.95
C PRO A 150 -4.30 -22.56 33.66
N MET A 151 -4.66 -23.62 32.92
CA MET A 151 -3.70 -24.65 32.54
C MET A 151 -2.64 -24.13 31.57
N LEU A 152 -3.08 -23.31 30.61
CA LEU A 152 -2.18 -22.73 29.62
C LEU A 152 -1.21 -21.74 30.25
N LYS A 153 -1.66 -21.03 31.28
CA LYS A 153 -0.81 -20.12 32.04
C LYS A 153 0.27 -20.91 32.79
N GLN A 154 -0.12 -22.05 33.34
CA GLN A 154 0.81 -22.93 34.06
C GLN A 154 1.92 -23.45 33.14
N SER A 155 1.55 -23.77 31.90
CA SER A 155 2.48 -24.36 30.94
C SER A 155 3.13 -23.35 29.99
N ASN A 156 2.79 -22.07 30.14
CA ASN A 156 3.17 -21.03 29.17
C ASN A 156 2.78 -21.48 27.76
N GLY A 157 1.54 -21.93 27.64
CA GLY A 157 1.06 -22.62 26.45
C GLY A 157 0.55 -21.72 25.35
N SER A 158 -0.25 -22.30 24.48
CA SER A 158 -0.65 -21.65 23.23
C SER A 158 -2.12 -21.91 22.91
N ILE A 159 -2.78 -20.88 22.36
CA ILE A 159 -4.11 -21.02 21.79
C ILE A 159 -3.99 -20.84 20.28
N VAL A 160 -4.52 -21.80 19.53
CA VAL A 160 -4.54 -21.72 18.07
C VAL A 160 -6.00 -21.60 17.65
N VAL A 161 -6.31 -20.54 16.92
CA VAL A 161 -7.67 -20.26 16.48
C VAL A 161 -7.69 -20.38 14.97
N VAL A 162 -8.44 -21.36 14.47
CA VAL A 162 -8.49 -21.59 13.04
C VAL A 162 -9.55 -20.69 12.43
N SER A 163 -9.12 -19.83 11.52
CA SER A 163 -10.04 -18.95 10.81
C SER A 163 -9.87 -19.09 9.30
N SER A 164 -10.22 -18.04 8.58
CA SER A 164 -10.58 -18.17 7.19
C SER A 164 -10.34 -16.88 6.42
N LEU A 165 -10.18 -16.99 5.12
CA LEU A 165 -10.21 -15.83 4.24
C LEU A 165 -11.49 -15.02 4.48
N ALA A 166 -12.62 -15.73 4.68
CA ALA A 166 -13.90 -15.09 4.96
C ALA A 166 -13.97 -14.54 6.39
N GLY A 167 -12.89 -14.73 7.15
CA GLY A 167 -12.70 -14.06 8.42
C GLY A 167 -11.81 -12.83 8.35
N LYS A 168 -11.39 -12.46 7.14
CA LYS A 168 -10.54 -11.28 6.91
C LYS A 168 -11.07 -10.40 5.77
N VAL A 169 -11.78 -11.02 4.84
CA VAL A 169 -12.42 -10.31 3.74
C VAL A 169 -13.85 -10.81 3.57
N ALA A 170 -14.66 -10.05 2.84
CA ALA A 170 -16.07 -10.37 2.70
C ALA A 170 -16.33 -11.21 1.47
N TYR A 171 -17.21 -12.20 1.61
CA TYR A 171 -17.67 -13.01 0.49
C TYR A 171 -19.18 -13.16 0.57
N PRO A 172 -19.86 -13.19 -0.57
CA PRO A 172 -21.28 -13.55 -0.59
C PRO A 172 -21.45 -15.02 -0.21
N MET A 173 -22.63 -15.38 0.27
CA MET A 173 -23.02 -16.78 0.56
C MET A 173 -22.51 -17.36 1.89
N VAL A 174 -21.71 -16.60 2.61
CA VAL A 174 -21.17 -17.04 3.90
C VAL A 174 -21.29 -15.96 4.97
N ALA A 175 -22.38 -15.19 4.91
CA ALA A 175 -22.57 -14.03 5.79
C ALA A 175 -22.49 -14.36 7.29
N ALA A 176 -23.27 -15.35 7.72
CA ALA A 176 -23.27 -15.78 9.12
C ALA A 176 -21.91 -16.32 9.55
N TYR A 177 -21.27 -17.11 8.67
CA TYR A 177 -19.97 -17.69 8.95
C TYR A 177 -18.91 -16.60 9.06
N SER A 178 -18.93 -15.67 8.11
CA SER A 178 -18.01 -14.54 8.09
C SER A 178 -18.13 -13.71 9.37
N ALA A 179 -19.36 -13.42 9.77
CA ALA A 179 -19.59 -12.70 11.03
C ALA A 179 -18.83 -13.38 12.18
N SER A 180 -18.97 -14.70 12.27
CA SER A 180 -18.38 -15.47 13.37
C SER A 180 -16.85 -15.50 13.31
N LYS A 181 -16.30 -15.61 12.11
CA LYS A 181 -14.84 -15.63 11.95
C LYS A 181 -14.21 -14.26 12.14
N PHE A 182 -14.87 -13.23 11.63
CA PHE A 182 -14.48 -11.84 11.91
C PHE A 182 -14.48 -11.59 13.42
N ALA A 183 -15.52 -12.09 14.11
CA ALA A 183 -15.61 -11.94 15.57
C ALA A 183 -14.41 -12.56 16.28
N LEU A 184 -13.97 -13.72 15.79
CA LEU A 184 -12.81 -14.40 16.35
C LEU A 184 -11.57 -13.52 16.26
N ASP A 185 -11.39 -12.88 15.11
CA ASP A 185 -10.27 -11.96 14.90
C ASP A 185 -10.33 -10.82 15.91
N GLY A 186 -11.46 -10.12 15.96
CA GLY A 186 -11.64 -9.01 16.88
C GLY A 186 -11.36 -9.41 18.32
N PHE A 187 -11.98 -10.50 18.74
CA PHE A 187 -11.83 -10.95 20.13
C PHE A 187 -10.43 -11.44 20.47
N PHE A 188 -9.93 -12.42 19.71
CA PHE A 188 -8.63 -13.00 20.05
C PHE A 188 -7.45 -12.07 19.83
N SER A 189 -7.55 -11.19 18.84
CA SER A 189 -6.49 -10.21 18.62
C SER A 189 -6.47 -9.17 19.74
N SER A 190 -7.65 -8.84 20.27
CA SER A 190 -7.75 -7.95 21.42
C SER A 190 -7.13 -8.57 22.67
N ILE A 191 -7.52 -9.80 22.99
CA ILE A 191 -7.00 -10.44 24.20
C ILE A 191 -5.49 -10.70 24.09
N ARG A 192 -4.99 -10.90 22.86
CA ARG A 192 -3.55 -10.99 22.64
C ARG A 192 -2.85 -9.73 23.12
N LYS A 193 -3.38 -8.56 22.74
CA LYS A 193 -2.86 -7.27 23.20
C LYS A 193 -2.90 -7.20 24.72
N GLU A 194 -4.00 -7.68 25.30
CA GLU A 194 -4.19 -7.70 26.75
C GLU A 194 -3.18 -8.59 27.48
N TYR A 195 -2.88 -9.75 26.89
CA TYR A 195 -1.91 -10.68 27.46
C TYR A 195 -0.50 -10.11 27.42
N SER A 196 -0.19 -9.37 26.36
CA SER A 196 1.11 -8.72 26.21
C SER A 196 1.36 -7.70 27.32
N VAL A 197 0.34 -6.91 27.68
CA VAL A 197 0.48 -5.90 28.72
C VAL A 197 0.27 -6.45 30.14
N SER A 198 -0.51 -7.53 30.25
CA SER A 198 -0.75 -8.18 31.54
C SER A 198 0.29 -9.26 31.83
N ARG A 199 1.28 -9.37 30.93
CA ARG A 199 2.39 -10.33 31.04
C ARG A 199 1.90 -11.77 31.19
N VAL A 200 0.85 -12.11 30.42
CA VAL A 200 0.34 -13.47 30.35
C VAL A 200 1.11 -14.19 29.25
N ASN A 201 1.86 -15.23 29.63
CA ASN A 201 2.73 -15.95 28.71
C ASN A 201 2.03 -17.05 27.94
N VAL A 202 0.85 -16.73 27.40
CA VAL A 202 0.10 -17.64 26.55
C VAL A 202 -0.04 -17.01 25.17
N SER A 203 0.43 -17.72 24.15
CA SER A 203 0.42 -17.19 22.79
C SER A 203 -0.93 -17.44 22.15
N ILE A 204 -1.28 -16.58 21.19
CA ILE A 204 -2.50 -16.72 20.43
C ILE A 204 -2.15 -16.66 18.95
N THR A 205 -2.52 -17.72 18.23
CA THR A 205 -2.23 -17.85 16.82
C THR A 205 -3.55 -17.86 16.07
N LEU A 206 -3.74 -16.88 15.18
CA LEU A 206 -4.91 -16.86 14.32
C LEU A 206 -4.51 -17.36 12.95
N CYS A 207 -5.17 -18.42 12.48
CA CYS A 207 -4.84 -19.00 11.19
C CYS A 207 -5.86 -18.55 10.16
N VAL A 208 -5.37 -18.04 9.03
CA VAL A 208 -6.23 -17.60 7.94
C VAL A 208 -6.07 -18.58 6.79
N LEU A 209 -7.10 -19.38 6.56
CA LEU A 209 -7.03 -20.45 5.57
C LEU A 209 -7.81 -20.13 4.30
N GLY A 210 -7.15 -20.37 3.17
CA GLY A 210 -7.81 -20.34 1.88
C GLY A 210 -8.53 -21.66 1.68
N LEU A 211 -8.79 -22.00 0.41
CA LEU A 211 -9.47 -23.25 0.11
C LEU A 211 -8.59 -24.46 0.44
N ILE A 212 -9.09 -25.32 1.32
CA ILE A 212 -8.39 -26.55 1.71
C ILE A 212 -9.24 -27.74 1.27
N ASP A 213 -8.58 -28.78 0.76
CA ASP A 213 -9.27 -29.90 0.14
C ASP A 213 -9.97 -30.88 1.10
N THR A 214 -10.58 -30.37 2.16
CA THR A 214 -11.40 -31.22 3.03
C THR A 214 -12.66 -31.64 2.29
N GLU A 215 -13.28 -32.75 2.71
CA GLU A 215 -14.52 -33.22 2.11
C GLU A 215 -15.59 -32.13 2.14
N THR A 216 -15.71 -31.47 3.28
CA THR A 216 -16.68 -30.41 3.45
C THR A 216 -16.51 -29.33 2.40
N ALA A 217 -15.28 -28.85 2.23
CA ALA A 217 -14.98 -27.78 1.26
C ALA A 217 -15.21 -28.23 -0.17
N MET A 218 -14.82 -29.47 -0.48
CA MET A 218 -14.94 -29.97 -1.85
C MET A 218 -16.39 -30.20 -2.25
N LYS A 219 -17.22 -30.57 -1.27
CA LYS A 219 -18.66 -30.67 -1.50
C LYS A 219 -19.29 -29.28 -1.66
N ALA A 220 -18.75 -28.31 -0.94
CA ALA A 220 -19.32 -26.96 -0.92
C ALA A 220 -18.99 -26.12 -2.15
N VAL A 221 -17.73 -26.14 -2.60
CA VAL A 221 -17.30 -25.27 -3.69
C VAL A 221 -17.64 -25.83 -5.08
N SER A 222 -17.65 -24.95 -6.08
CA SER A 222 -18.07 -25.30 -7.44
C SER A 222 -16.99 -25.02 -8.49
N GLY A 223 -16.91 -25.89 -9.50
CA GLY A 223 -16.08 -25.66 -10.67
C GLY A 223 -14.59 -25.79 -10.44
N ILE A 224 -13.82 -25.15 -11.32
CA ILE A 224 -12.35 -25.29 -11.36
C ILE A 224 -11.61 -24.86 -10.09
N VAL A 225 -12.27 -24.05 -9.26
CA VAL A 225 -11.67 -23.60 -8.00
C VAL A 225 -11.22 -24.79 -7.13
N HIS A 226 -11.93 -25.91 -7.24
CA HIS A 226 -11.57 -27.18 -6.60
C HIS A 226 -10.08 -27.51 -6.75
N MET A 227 -9.56 -27.29 -7.96
CA MET A 227 -8.19 -27.64 -8.30
C MET A 227 -7.16 -26.73 -7.63
N GLN A 228 -7.61 -25.58 -7.14
CA GLN A 228 -6.76 -24.65 -6.42
C GLN A 228 -6.79 -24.91 -4.92
N ALA A 229 -7.41 -26.02 -4.52
CA ALA A 229 -7.47 -26.40 -3.12
C ALA A 229 -6.10 -26.85 -2.62
N ALA A 230 -5.71 -26.34 -1.46
CA ALA A 230 -4.47 -26.72 -0.81
C ALA A 230 -4.68 -28.03 -0.04
N PRO A 231 -3.62 -28.85 0.07
CA PRO A 231 -3.74 -30.14 0.78
C PRO A 231 -3.99 -29.96 2.27
N LYS A 232 -4.99 -30.67 2.79
CA LYS A 232 -5.35 -30.60 4.20
C LYS A 232 -4.23 -31.06 5.12
N GLU A 233 -3.41 -32.00 4.64
CA GLU A 233 -2.30 -32.54 5.41
C GLU A 233 -1.26 -31.45 5.70
N GLU A 234 -0.86 -30.73 4.66
CA GLU A 234 0.11 -29.64 4.80
C GLU A 234 -0.48 -28.47 5.59
N CYS A 235 -1.75 -28.19 5.34
CA CYS A 235 -2.48 -27.14 6.06
C CYS A 235 -2.42 -27.37 7.56
N ALA A 236 -2.77 -28.58 7.97
CA ALA A 236 -2.75 -28.98 9.38
C ALA A 236 -1.36 -28.80 10.01
N LEU A 237 -0.32 -29.20 9.27
CA LEU A 237 1.04 -29.06 9.76
C LEU A 237 1.43 -27.59 9.95
N GLU A 238 1.08 -26.75 8.97
CA GLU A 238 1.43 -25.33 9.03
C GLU A 238 0.75 -24.63 10.21
N ILE A 239 -0.48 -25.08 10.53
CA ILE A 239 -1.18 -24.57 11.70
C ILE A 239 -0.45 -24.94 12.99
N ILE A 240 -0.09 -26.21 13.12
CA ILE A 240 0.67 -26.69 14.27
C ILE A 240 2.01 -25.96 14.39
N LYS A 241 2.70 -25.80 13.27
CA LYS A 241 3.98 -25.09 13.24
C LYS A 241 3.85 -23.67 13.78
N GLY A 242 2.86 -22.93 13.27
CA GLY A 242 2.61 -21.57 13.70
C GLY A 242 2.34 -21.48 15.19
N GLY A 243 1.48 -22.38 15.68
CA GLY A 243 1.17 -22.45 17.09
C GLY A 243 2.37 -22.77 17.95
N ALA A 244 3.14 -23.78 17.52
CA ALA A 244 4.36 -24.17 18.23
C ALA A 244 5.38 -23.03 18.28
N LEU A 245 5.48 -22.27 17.19
CA LEU A 245 6.42 -21.16 17.10
C LEU A 245 5.87 -19.86 17.67
N ARG A 246 4.65 -19.92 18.20
CA ARG A 246 4.00 -18.79 18.88
C ARG A 246 3.80 -17.59 17.94
N GLN A 247 3.57 -17.87 16.66
CA GLN A 247 3.32 -16.84 15.66
C GLN A 247 1.94 -16.25 15.90
N GLU A 248 1.80 -14.95 15.63
CA GLU A 248 0.52 -14.28 15.80
C GLU A 248 -0.48 -14.74 14.74
N GLU A 249 -0.02 -14.81 13.50
CA GLU A 249 -0.90 -15.23 12.41
C GLU A 249 -0.23 -16.25 11.50
N VAL A 250 -1.01 -17.25 11.08
CA VAL A 250 -0.60 -18.20 10.07
C VAL A 250 -1.49 -17.98 8.85
N TYR A 251 -0.86 -17.79 7.70
CA TYR A 251 -1.60 -17.72 6.45
C TYR A 251 -1.29 -18.96 5.64
N TYR A 252 -2.35 -19.64 5.19
CA TYR A 252 -2.17 -20.82 4.36
C TYR A 252 -3.13 -20.83 3.18
N ASP A 253 -2.55 -20.76 1.99
CA ASP A 253 -3.30 -20.75 0.74
C ASP A 253 -2.40 -21.32 -0.34
N SER A 254 -3.01 -21.90 -1.37
CA SER A 254 -2.28 -22.47 -2.49
C SER A 254 -1.53 -21.42 -3.32
N SER A 255 -1.99 -20.17 -3.23
CA SER A 255 -1.36 -19.05 -3.94
C SER A 255 -0.59 -18.15 -2.99
N LEU A 256 0.66 -17.84 -3.36
CA LEU A 256 1.48 -16.91 -2.58
C LEU A 256 0.99 -15.47 -2.69
N TRP A 257 0.31 -15.17 -3.80
CA TRP A 257 -0.27 -13.84 -4.03
C TRP A 257 -1.47 -13.58 -3.12
N THR A 258 -2.20 -14.64 -2.78
CA THR A 258 -3.29 -14.55 -1.82
C THR A 258 -2.75 -14.19 -0.44
N THR A 259 -1.71 -14.90 0.00
CA THR A 259 -1.08 -14.64 1.29
C THR A 259 -0.56 -13.21 1.40
N LEU A 260 -0.14 -12.65 0.26
CA LEU A 260 0.29 -11.26 0.16
C LEU A 260 -0.87 -10.29 0.40
N LEU A 261 -2.05 -10.64 -0.12
CA LEU A 261 -3.21 -9.76 -0.05
C LEU A 261 -3.99 -9.82 1.26
N ILE A 262 -3.76 -10.86 2.06
CA ILE A 262 -4.41 -10.91 3.38
C ILE A 262 -3.65 -10.15 4.46
N ARG A 263 -2.36 -9.89 4.21
CA ARG A 263 -1.56 -9.07 5.12
C ARG A 263 -2.16 -7.67 5.21
N ASN A 264 -2.16 -7.12 6.43
CA ASN A 264 -2.70 -5.79 6.67
C ASN A 264 -1.73 -4.96 7.52
N PRO A 265 -0.68 -4.43 6.89
CA PRO A 265 0.31 -3.63 7.62
C PRO A 265 -0.28 -2.34 8.19
N SER A 266 -1.28 -1.77 7.50
CA SER A 266 -1.94 -0.56 7.96
C SER A 266 -2.58 -0.77 9.33
N ARG A 267 -3.25 -1.91 9.51
CA ARG A 267 -3.82 -2.30 10.79
C ARG A 267 -2.71 -2.43 11.83
N LYS A 268 -1.63 -3.12 11.45
CA LYS A 268 -0.49 -3.32 12.34
C LYS A 268 0.11 -1.99 12.82
N ILE A 269 0.14 -0.99 11.94
CA ILE A 269 0.65 0.33 12.28
C ILE A 269 -0.26 1.06 13.28
N LEU A 270 -1.57 1.02 13.03
CA LEU A 270 -2.53 1.64 13.95
C LEU A 270 -2.43 1.02 15.34
N GLU A 271 -2.28 -0.30 15.39
CA GLU A 271 -2.15 -1.02 16.65
C GLU A 271 -0.85 -0.70 17.37
N PHE A 272 0.24 -0.59 16.61
CA PHE A 272 1.53 -0.20 17.17
C PHE A 272 1.48 1.21 17.76
N LEU A 273 0.87 2.14 17.02
CA LEU A 273 0.74 3.52 17.49
C LEU A 273 -0.08 3.62 18.77
N TYR A 274 -1.11 2.78 18.89
CA TYR A 274 -1.92 2.73 20.11
C TYR A 274 -1.18 2.08 21.28
N SER A 275 -0.34 1.09 20.98
CA SER A 275 0.29 0.25 22.01
C SER A 275 0.99 1.01 23.15
N THR A 276 1.43 2.23 22.85
CA THR A 276 2.07 3.10 23.85
C THR A 276 1.29 4.40 24.07
N SER A 277 -0.03 4.30 24.02
CA SER A 277 -0.90 5.47 24.16
C SER A 277 -1.91 5.33 25.30
N GLN B 15 -23.56 0.83 -5.94
CA GLN B 15 -23.04 2.06 -6.61
C GLN B 15 -23.41 3.32 -5.82
N PRO B 16 -22.41 4.11 -5.43
CA PRO B 16 -22.66 5.39 -4.75
C PRO B 16 -23.21 6.44 -5.72
N LEU B 17 -23.96 7.40 -5.19
CA LEU B 17 -24.55 8.47 -6.01
C LEU B 17 -23.46 9.43 -6.48
N ASN B 18 -23.38 9.62 -7.80
CA ASN B 18 -22.39 10.53 -8.39
C ASN B 18 -22.82 11.99 -8.25
N GLU B 19 -22.92 12.44 -7.00
CA GLU B 19 -23.41 13.78 -6.67
C GLU B 19 -22.84 14.26 -5.35
N GLU B 20 -22.81 15.58 -5.16
CA GLU B 20 -22.48 16.17 -3.87
C GLU B 20 -23.70 16.08 -2.96
N PHE B 21 -23.47 15.93 -1.66
CA PHE B 21 -24.56 15.85 -0.69
C PHE B 21 -25.32 17.17 -0.60
N ARG B 22 -26.64 17.06 -0.57
CA ARG B 22 -27.52 18.18 -0.27
C ARG B 22 -28.46 17.76 0.86
N PRO B 23 -28.68 18.64 1.84
CA PRO B 23 -29.60 18.34 2.94
C PRO B 23 -31.02 17.98 2.45
N GLU B 24 -31.40 18.49 1.28
CA GLU B 24 -32.70 18.20 0.68
C GLU B 24 -32.89 16.72 0.33
N MET B 25 -31.77 15.98 0.25
CA MET B 25 -31.80 14.54 -0.02
C MET B 25 -32.54 13.77 1.07
N LEU B 26 -32.60 14.34 2.28
CA LEU B 26 -33.27 13.69 3.40
C LEU B 26 -34.67 14.24 3.68
N GLN B 27 -35.05 15.31 2.98
CA GLN B 27 -36.36 15.93 3.16
C GLN B 27 -37.48 14.95 2.85
N GLY B 28 -38.32 14.69 3.85
CA GLY B 28 -39.46 13.79 3.69
C GLY B 28 -39.11 12.32 3.75
N LYS B 29 -37.83 12.02 3.93
CA LYS B 29 -37.37 10.63 4.02
C LYS B 29 -37.72 10.04 5.39
N LYS B 30 -37.97 8.74 5.39
CA LYS B 30 -38.41 8.03 6.59
C LYS B 30 -37.24 7.25 7.16
N VAL B 31 -36.79 7.68 8.33
CA VAL B 31 -35.53 7.21 8.90
C VAL B 31 -35.69 6.71 10.34
N ILE B 32 -35.20 5.49 10.59
CA ILE B 32 -35.05 4.99 11.95
C ILE B 32 -33.63 5.28 12.41
N VAL B 33 -33.49 5.76 13.65
CA VAL B 33 -32.18 5.86 14.29
C VAL B 33 -32.24 5.14 15.62
N THR B 34 -31.40 4.12 15.78
CA THR B 34 -31.31 3.40 17.04
C THR B 34 -30.23 4.00 17.91
N GLY B 35 -30.28 3.71 19.21
CA GLY B 35 -29.37 4.30 20.17
C GLY B 35 -29.31 5.81 20.05
N ALA B 36 -30.49 6.42 19.96
CA ALA B 36 -30.60 7.84 19.59
C ALA B 36 -31.04 8.74 20.75
N SER B 37 -30.94 8.22 21.97
CA SER B 37 -31.27 9.00 23.16
C SER B 37 -30.14 9.96 23.54
N LYS B 38 -28.94 9.64 23.09
CA LYS B 38 -27.74 10.42 23.41
C LYS B 38 -26.65 10.18 22.38
N GLY B 39 -25.51 10.83 22.58
CA GLY B 39 -24.34 10.62 21.75
C GLY B 39 -24.57 10.88 20.28
N ILE B 40 -23.93 10.07 19.44
CA ILE B 40 -23.99 10.25 17.99
C ILE B 40 -25.39 10.04 17.44
N GLY B 41 -26.12 9.07 18.00
CA GLY B 41 -27.48 8.77 17.58
C GLY B 41 -28.40 9.98 17.72
N ARG B 42 -28.33 10.62 18.88
CA ARG B 42 -29.10 11.84 19.14
C ARG B 42 -28.77 12.93 18.13
N GLU B 43 -27.47 13.11 17.87
CA GLU B 43 -27.02 14.12 16.91
C GLU B 43 -27.53 13.83 15.51
N MET B 44 -27.57 12.55 15.16
CA MET B 44 -28.11 12.12 13.87
C MET B 44 -29.59 12.48 13.75
N ALA B 45 -30.35 12.18 14.79
CA ALA B 45 -31.77 12.54 14.85
C ALA B 45 -31.97 14.03 14.64
N TYR B 46 -31.15 14.83 15.31
CA TYR B 46 -31.21 16.29 15.21
C TYR B 46 -30.93 16.78 13.78
N HIS B 47 -29.92 16.21 13.14
CA HIS B 47 -29.60 16.56 11.75
C HIS B 47 -30.75 16.21 10.82
N LEU B 48 -31.30 15.01 10.98
CA LEU B 48 -32.40 14.54 10.14
C LEU B 48 -33.62 15.42 10.33
N ALA B 49 -33.88 15.81 11.59
CA ALA B 49 -34.94 16.75 11.91
C ALA B 49 -34.78 18.07 11.17
N LYS B 50 -33.57 18.62 11.20
CA LYS B 50 -33.26 19.88 10.52
C LYS B 50 -33.47 19.76 9.01
N MET B 51 -33.19 18.58 8.48
CA MET B 51 -33.38 18.29 7.06
C MET B 51 -34.84 18.03 6.71
N GLY B 52 -35.69 17.98 7.72
CA GLY B 52 -37.12 17.77 7.53
C GLY B 52 -37.50 16.33 7.21
N ALA B 53 -36.70 15.39 7.71
CA ALA B 53 -37.01 13.98 7.58
C ALA B 53 -38.06 13.57 8.60
N HIS B 54 -38.72 12.44 8.33
CA HIS B 54 -39.51 11.74 9.33
C HIS B 54 -38.52 10.86 10.10
N VAL B 55 -38.58 10.92 11.42
CA VAL B 55 -37.64 10.16 12.24
C VAL B 55 -38.37 9.33 13.30
N VAL B 56 -37.93 8.09 13.48
CA VAL B 56 -38.33 7.30 14.63
C VAL B 56 -37.06 6.93 15.38
N VAL B 57 -36.98 7.31 16.65
CA VAL B 57 -35.81 7.07 17.47
C VAL B 57 -36.08 6.01 18.51
N THR B 58 -35.04 5.27 18.86
CA THR B 58 -35.16 4.26 19.90
C THR B 58 -33.92 4.17 20.79
N ALA B 59 -34.15 3.64 21.98
CA ALA B 59 -33.17 3.41 23.04
C ALA B 59 -34.03 2.83 24.17
N ARG B 60 -33.43 2.53 25.32
CA ARG B 60 -34.18 1.97 26.43
C ARG B 60 -34.96 3.02 27.22
N SER B 61 -34.40 4.22 27.31
CA SER B 61 -34.93 5.25 28.20
C SER B 61 -35.95 6.15 27.51
N LYS B 62 -37.21 5.98 27.87
CA LYS B 62 -38.28 6.82 27.34
C LYS B 62 -38.07 8.30 27.70
N GLU B 63 -37.53 8.53 28.90
CA GLU B 63 -37.28 9.88 29.42
C GLU B 63 -36.36 10.68 28.52
N THR B 64 -35.23 10.10 28.14
CA THR B 64 -34.27 10.78 27.28
C THR B 64 -34.75 10.81 25.84
N LEU B 65 -35.41 9.73 25.41
CA LEU B 65 -35.98 9.67 24.06
C LEU B 65 -37.02 10.78 23.84
N GLN B 66 -37.85 11.02 24.86
CA GLN B 66 -38.86 12.07 24.82
C GLN B 66 -38.23 13.44 24.54
N LYS B 67 -37.13 13.73 25.24
CA LYS B 67 -36.40 14.98 25.06
C LYS B 67 -35.85 15.13 23.64
N VAL B 68 -35.35 14.04 23.08
CA VAL B 68 -34.85 14.03 21.69
C VAL B 68 -35.99 14.34 20.72
N VAL B 69 -37.14 13.69 20.92
CA VAL B 69 -38.31 13.90 20.07
C VAL B 69 -38.78 15.35 20.13
N SER B 70 -38.87 15.91 21.33
CA SER B 70 -39.25 17.29 21.53
C SER B 70 -38.36 18.25 20.72
N HIS B 71 -37.05 18.03 20.80
CA HIS B 71 -36.10 18.87 20.06
C HIS B 71 -36.18 18.67 18.55
N CYS B 72 -36.41 17.42 18.12
CA CYS B 72 -36.58 17.10 16.70
C CYS B 72 -37.77 17.85 16.08
N LEU B 73 -38.90 17.86 16.80
CA LEU B 73 -40.08 18.58 16.35
C LEU B 73 -39.82 20.08 16.29
N GLU B 74 -39.11 20.58 17.31
CA GLU B 74 -38.61 21.96 17.38
C GLU B 74 -37.80 22.33 16.13
N LEU B 75 -36.88 21.45 15.75
CA LEU B 75 -35.94 21.69 14.65
C LEU B 75 -36.58 21.61 13.27
N GLY B 76 -37.78 21.02 13.19
CA GLY B 76 -38.52 20.95 11.95
C GLY B 76 -38.57 19.58 11.28
N ALA B 77 -38.58 18.52 12.08
CA ALA B 77 -38.79 17.17 11.55
C ALA B 77 -40.18 17.09 10.95
N ALA B 78 -40.32 16.38 9.82
CA ALA B 78 -41.63 16.18 9.21
C ALA B 78 -42.53 15.48 10.22
N SER B 79 -41.95 14.53 10.95
CA SER B 79 -42.56 13.93 12.12
C SER B 79 -41.44 13.31 12.96
N ALA B 80 -41.72 13.09 14.24
CA ALA B 80 -40.75 12.47 15.12
C ALA B 80 -41.47 11.67 16.21
N HIS B 81 -41.09 10.41 16.32
CA HIS B 81 -41.64 9.52 17.33
C HIS B 81 -40.51 8.77 17.99
N TYR B 82 -40.78 8.27 19.20
CA TYR B 82 -39.86 7.36 19.87
C TYR B 82 -40.60 6.09 20.24
N ILE B 83 -39.85 4.99 20.28
CA ILE B 83 -40.35 3.74 20.85
C ILE B 83 -39.23 3.23 21.73
N ALA B 84 -39.52 3.07 23.02
CA ALA B 84 -38.51 2.63 23.98
C ALA B 84 -38.49 1.12 24.11
N GLY B 85 -37.28 0.57 24.26
CA GLY B 85 -37.11 -0.84 24.51
C GLY B 85 -35.66 -1.26 24.45
N THR B 86 -35.40 -2.49 24.86
CA THR B 86 -34.04 -3.01 24.82
C THR B 86 -33.81 -3.90 23.62
N MET B 87 -32.68 -3.67 22.96
CA MET B 87 -32.29 -4.46 21.82
C MET B 87 -31.67 -5.79 22.24
N GLU B 88 -31.66 -6.08 23.55
CA GLU B 88 -31.38 -7.42 24.05
C GLU B 88 -32.54 -8.34 23.68
N ASP B 89 -33.71 -7.74 23.49
CA ASP B 89 -34.95 -8.44 23.19
C ASP B 89 -35.17 -8.45 21.68
N MET B 90 -34.93 -9.60 21.05
CA MET B 90 -35.05 -9.73 19.61
C MET B 90 -36.49 -9.54 19.12
N THR B 91 -37.46 -9.86 19.97
CA THR B 91 -38.85 -9.66 19.65
C THR B 91 -39.17 -8.17 19.59
N PHE B 92 -38.64 -7.41 20.56
CA PHE B 92 -38.76 -5.96 20.51
C PHE B 92 -38.13 -5.40 19.23
N ALA B 93 -36.91 -5.85 18.93
CA ALA B 93 -36.20 -5.38 17.73
C ALA B 93 -37.09 -5.49 16.49
N GLU B 94 -37.63 -6.68 16.27
CA GLU B 94 -38.49 -6.97 15.13
C GLU B 94 -39.76 -6.13 15.14
N GLN B 95 -40.44 -6.08 16.29
CA GLN B 95 -41.69 -5.33 16.42
C GLN B 95 -41.49 -3.82 16.31
N PHE B 96 -40.34 -3.34 16.80
CA PHE B 96 -40.01 -1.93 16.71
C PHE B 96 -40.01 -1.44 15.27
N VAL B 97 -39.35 -2.18 14.39
CA VAL B 97 -39.25 -1.80 12.97
C VAL B 97 -40.63 -1.75 12.30
N ALA B 98 -41.47 -2.73 12.61
CA ALA B 98 -42.84 -2.76 12.09
C ALA B 98 -43.64 -1.55 12.59
N GLN B 99 -43.52 -1.26 13.89
CA GLN B 99 -44.15 -0.09 14.49
C GLN B 99 -43.68 1.22 13.83
N ALA B 100 -42.36 1.34 13.69
CA ALA B 100 -41.74 2.54 13.12
C ALA B 100 -42.15 2.76 11.67
N GLY B 101 -42.20 1.67 10.90
CA GLY B 101 -42.66 1.71 9.53
C GLY B 101 -44.12 2.11 9.41
N LYS B 102 -44.93 1.66 10.36
CA LYS B 102 -46.35 2.01 10.40
C LYS B 102 -46.51 3.49 10.73
N LEU B 103 -45.66 3.98 11.63
CA LEU B 103 -45.69 5.37 12.08
C LEU B 103 -45.35 6.36 10.97
N MET B 104 -44.45 5.98 10.08
CA MET B 104 -43.96 6.86 9.02
C MET B 104 -44.56 6.55 7.65
N GLY B 105 -45.22 5.40 7.54
CA GLY B 105 -45.78 4.96 6.27
C GLY B 105 -44.70 4.46 5.32
N GLY B 106 -43.70 3.80 5.88
CA GLY B 106 -42.59 3.26 5.09
C GLY B 106 -41.26 3.52 5.75
N LEU B 107 -40.18 3.22 5.01
CA LEU B 107 -38.82 3.36 5.52
C LEU B 107 -37.82 3.54 4.39
N ASP B 108 -37.01 4.59 4.48
CA ASP B 108 -36.01 4.91 3.48
C ASP B 108 -34.61 4.62 3.98
N MET B 109 -34.40 4.77 5.28
CA MET B 109 -33.08 4.59 5.86
C MET B 109 -33.16 4.01 7.25
N LEU B 110 -32.35 2.98 7.49
CA LEU B 110 -32.24 2.34 8.78
C LEU B 110 -30.84 2.59 9.34
N ILE B 111 -30.74 3.43 10.37
CA ILE B 111 -29.46 3.74 10.98
C ILE B 111 -29.31 2.95 12.27
N LEU B 112 -28.39 1.99 12.23
CA LEU B 112 -28.14 1.07 13.33
C LEU B 112 -26.93 1.54 14.09
N ASN B 113 -27.15 1.96 15.32
CA ASN B 113 -26.17 2.77 16.03
C ASN B 113 -25.98 2.38 17.50
N HIS B 114 -27.00 1.78 18.10
CA HIS B 114 -26.97 1.40 19.51
C HIS B 114 -25.89 0.38 19.83
N ILE B 115 -25.39 0.44 21.06
CA ILE B 115 -24.50 -0.58 21.60
C ILE B 115 -24.85 -0.80 23.06
N THR B 116 -24.53 -1.97 23.57
CA THR B 116 -24.65 -2.23 25.00
C THR B 116 -23.55 -1.47 25.74
N ASN B 117 -23.79 -1.11 26.99
CA ASN B 117 -22.81 -0.39 27.80
C ASN B 117 -21.45 -1.07 27.79
N THR B 118 -20.44 -0.35 27.31
CA THR B 118 -19.06 -0.86 27.25
C THR B 118 -18.06 0.10 27.89
N SER B 119 -17.20 -0.45 28.73
CA SER B 119 -16.11 0.29 29.36
C SER B 119 -14.78 -0.45 29.17
N LEU B 120 -13.68 0.30 29.23
CA LEU B 120 -12.36 -0.30 29.07
C LEU B 120 -12.01 -1.18 30.27
N ASN B 121 -11.89 -2.48 30.03
CA ASN B 121 -11.48 -3.44 31.06
C ASN B 121 -10.89 -4.70 30.44
N LEU B 122 -9.92 -5.28 31.14
CA LEU B 122 -9.34 -6.56 30.75
C LEU B 122 -10.41 -7.64 30.70
N PHE B 123 -10.31 -8.54 29.73
CA PHE B 123 -11.22 -9.67 29.66
C PHE B 123 -10.91 -10.69 30.76
N HIS B 124 -11.90 -10.93 31.62
CA HIS B 124 -11.75 -11.82 32.76
C HIS B 124 -12.97 -12.71 32.97
N ASP B 125 -13.06 -13.77 32.17
CA ASP B 125 -14.10 -14.81 32.29
C ASP B 125 -15.54 -14.33 32.10
N ASP B 126 -15.72 -13.07 31.70
CA ASP B 126 -17.05 -12.49 31.56
C ASP B 126 -17.75 -12.91 30.26
N ILE B 127 -18.09 -14.19 30.17
CA ILE B 127 -18.81 -14.74 29.01
C ILE B 127 -20.19 -14.11 28.89
N HIS B 128 -20.82 -13.82 30.02
CA HIS B 128 -22.09 -13.09 30.07
C HIS B 128 -22.00 -11.79 29.25
N HIS B 129 -20.92 -11.04 29.46
CA HIS B 129 -20.73 -9.78 28.78
C HIS B 129 -20.43 -9.97 27.29
N VAL B 130 -19.67 -11.01 26.96
CA VAL B 130 -19.36 -11.33 25.57
C VAL B 130 -20.65 -11.63 24.81
N ARG B 131 -21.47 -12.51 25.38
CA ARG B 131 -22.75 -12.88 24.76
C ARG B 131 -23.67 -11.67 24.60
N LYS B 132 -23.79 -10.87 25.66
CA LYS B 132 -24.63 -9.67 25.64
C LYS B 132 -24.17 -8.70 24.55
N SER B 133 -22.87 -8.47 24.48
CA SER B 133 -22.30 -7.62 23.44
C SER B 133 -22.65 -8.15 22.05
N MET B 134 -22.48 -9.46 21.86
CA MET B 134 -22.83 -10.09 20.58
C MET B 134 -24.31 -9.94 20.26
N GLU B 135 -25.16 -10.12 21.27
CA GLU B 135 -26.61 -10.03 21.09
C GLU B 135 -27.07 -8.61 20.74
N VAL B 136 -26.65 -7.64 21.54
CA VAL B 136 -27.08 -6.25 21.37
C VAL B 136 -26.35 -5.55 20.22
N ASN B 137 -25.04 -5.67 20.18
CA ASN B 137 -24.25 -4.93 19.19
C ASN B 137 -24.29 -5.53 17.80
N PHE B 138 -24.55 -6.83 17.72
CA PHE B 138 -24.50 -7.52 16.44
C PHE B 138 -25.82 -8.16 16.03
N LEU B 139 -26.28 -9.13 16.82
CA LEU B 139 -27.45 -9.90 16.44
C LEU B 139 -28.70 -9.05 16.26
N SER B 140 -28.90 -8.08 17.15
CA SER B 140 -30.05 -7.18 17.00
C SER B 140 -30.00 -6.39 15.70
N TYR B 141 -28.80 -5.99 15.27
CA TYR B 141 -28.63 -5.30 13.98
C TYR B 141 -29.14 -6.18 12.84
N VAL B 142 -28.83 -7.48 12.90
CA VAL B 142 -29.29 -8.42 11.89
C VAL B 142 -30.82 -8.54 11.92
N VAL B 143 -31.37 -8.69 13.12
CA VAL B 143 -32.82 -8.81 13.30
C VAL B 143 -33.54 -7.56 12.78
N LEU B 144 -33.00 -6.38 13.11
CA LEU B 144 -33.56 -5.12 12.64
C LEU B 144 -33.49 -5.00 11.12
N THR B 145 -32.38 -5.44 10.54
CA THR B 145 -32.22 -5.42 9.09
C THR B 145 -33.25 -6.32 8.39
N VAL B 146 -33.40 -7.55 8.89
CA VAL B 146 -34.39 -8.48 8.38
C VAL B 146 -35.80 -7.89 8.41
N ALA B 147 -36.13 -7.21 9.51
CA ALA B 147 -37.45 -6.59 9.67
C ALA B 147 -37.66 -5.42 8.72
N ALA B 148 -36.58 -4.68 8.45
CA ALA B 148 -36.63 -3.46 7.66
C ALA B 148 -36.53 -3.68 6.16
N LEU B 149 -35.96 -4.82 5.76
CA LEU B 149 -35.59 -5.04 4.37
C LEU B 149 -36.74 -4.93 3.34
N PRO B 150 -37.90 -5.54 3.60
CA PRO B 150 -39.04 -5.39 2.68
C PRO B 150 -39.39 -3.93 2.41
N MET B 151 -39.43 -3.09 3.44
CA MET B 151 -39.70 -1.67 3.28
C MET B 151 -38.57 -0.95 2.55
N LEU B 152 -37.33 -1.32 2.86
CA LEU B 152 -36.16 -0.72 2.22
C LEU B 152 -36.05 -1.11 0.75
N LYS B 153 -36.49 -2.33 0.43
CA LYS B 153 -36.53 -2.78 -0.97
C LYS B 153 -37.56 -1.97 -1.74
N GLN B 154 -38.69 -1.66 -1.09
CA GLN B 154 -39.76 -0.87 -1.70
C GLN B 154 -39.29 0.55 -2.03
N SER B 155 -38.43 1.10 -1.18
CA SER B 155 -37.98 2.48 -1.32
C SER B 155 -36.59 2.65 -1.97
N ASN B 156 -35.97 1.53 -2.36
CA ASN B 156 -34.56 1.50 -2.78
C ASN B 156 -33.69 2.18 -1.72
N GLY B 157 -33.91 1.78 -0.48
CA GLY B 157 -33.38 2.48 0.67
C GLY B 157 -31.96 2.14 1.08
N SER B 158 -31.64 2.43 2.33
CA SER B 158 -30.27 2.39 2.80
C SER B 158 -30.18 1.87 4.23
N ILE B 159 -29.18 1.01 4.46
CA ILE B 159 -28.84 0.56 5.80
C ILE B 159 -27.52 1.22 6.17
N VAL B 160 -27.49 1.84 7.34
CA VAL B 160 -26.28 2.47 7.85
C VAL B 160 -25.92 1.75 9.14
N VAL B 161 -24.72 1.18 9.16
CA VAL B 161 -24.23 0.41 10.29
C VAL B 161 -23.09 1.17 10.94
N VAL B 162 -23.30 1.62 12.17
CA VAL B 162 -22.28 2.39 12.85
C VAL B 162 -21.28 1.48 13.53
N SER B 163 -20.03 1.61 13.13
CA SER B 163 -18.97 0.81 13.71
C SER B 163 -17.81 1.70 14.16
N SER B 164 -16.62 1.11 14.22
CA SER B 164 -15.57 1.62 15.09
C SER B 164 -14.22 1.24 14.57
N LEU B 165 -13.21 2.01 14.95
CA LEU B 165 -11.83 1.61 14.73
C LEU B 165 -11.59 0.23 15.33
N ALA B 166 -12.18 -0.03 16.50
CA ALA B 166 -12.08 -1.33 17.16
C ALA B 166 -12.89 -2.41 16.44
N GLY B 167 -13.58 -2.01 15.37
CA GLY B 167 -14.26 -2.94 14.47
C GLY B 167 -13.46 -3.21 13.21
N LYS B 168 -12.25 -2.64 13.14
CA LYS B 168 -11.37 -2.84 11.98
C LYS B 168 -9.96 -3.23 12.41
N VAL B 169 -9.58 -2.81 13.62
CA VAL B 169 -8.28 -3.18 14.19
C VAL B 169 -8.47 -3.61 15.65
N ALA B 170 -7.49 -4.32 16.20
CA ALA B 170 -7.60 -4.84 17.56
C ALA B 170 -7.10 -3.83 18.59
N TYR B 171 -7.86 -3.69 19.67
CA TYR B 171 -7.45 -2.89 20.82
C TYR B 171 -7.62 -3.71 22.08
N PRO B 172 -6.68 -3.59 23.03
CA PRO B 172 -6.86 -4.19 24.34
C PRO B 172 -7.97 -3.46 25.10
N MET B 173 -8.62 -4.16 26.04
CA MET B 173 -9.66 -3.60 26.92
C MET B 173 -11.06 -3.49 26.33
N VAL B 174 -11.21 -3.85 25.05
CA VAL B 174 -12.52 -3.84 24.39
C VAL B 174 -12.78 -5.12 23.60
N ALA B 175 -12.32 -6.24 24.11
CA ALA B 175 -12.38 -7.53 23.39
C ALA B 175 -13.78 -7.94 22.96
N ALA B 176 -14.73 -7.94 23.90
CA ALA B 176 -16.12 -8.31 23.60
C ALA B 176 -16.75 -7.36 22.57
N TYR B 177 -16.55 -6.06 22.78
CA TYR B 177 -17.03 -5.04 21.86
C TYR B 177 -16.44 -5.20 20.47
N SER B 178 -15.13 -5.37 20.40
CA SER B 178 -14.42 -5.57 19.13
C SER B 178 -14.96 -6.77 18.37
N ALA B 179 -15.17 -7.87 19.07
CA ALA B 179 -15.74 -9.07 18.46
C ALA B 179 -17.06 -8.75 17.77
N SER B 180 -17.91 -7.99 18.46
CA SER B 180 -19.23 -7.62 17.94
C SER B 180 -19.17 -6.69 16.73
N LYS B 181 -18.25 -5.73 16.76
CA LYS B 181 -18.09 -4.78 15.65
C LYS B 181 -17.41 -5.43 14.43
N PHE B 182 -16.39 -6.26 14.68
CA PHE B 182 -15.83 -7.10 13.62
C PHE B 182 -16.92 -7.95 12.95
N ALA B 183 -17.80 -8.53 13.78
CA ALA B 183 -18.89 -9.36 13.29
C ALA B 183 -19.80 -8.59 12.32
N LEU B 184 -20.11 -7.35 12.68
CA LEU B 184 -20.92 -6.46 11.83
C LEU B 184 -20.29 -6.28 10.45
N ASP B 185 -18.98 -6.10 10.43
CA ASP B 185 -18.23 -5.94 9.19
C ASP B 185 -18.33 -7.22 8.36
N GLY B 186 -18.03 -8.37 8.96
CA GLY B 186 -18.11 -9.64 8.28
C GLY B 186 -19.51 -9.89 7.72
N PHE B 187 -20.53 -9.68 8.54
CA PHE B 187 -21.90 -9.92 8.11
C PHE B 187 -22.39 -8.95 7.05
N PHE B 188 -22.35 -7.66 7.35
CA PHE B 188 -22.93 -6.65 6.46
C PHE B 188 -22.16 -6.47 5.16
N SER B 189 -20.85 -6.70 5.20
CA SER B 189 -20.06 -6.63 3.98
C SER B 189 -20.36 -7.84 3.08
N SER B 190 -20.67 -8.96 3.72
CA SER B 190 -21.06 -10.17 2.99
C SER B 190 -22.42 -9.99 2.35
N ILE B 191 -23.39 -9.48 3.10
CA ILE B 191 -24.72 -9.28 2.51
C ILE B 191 -24.71 -8.20 1.43
N ARG B 192 -23.83 -7.21 1.56
CA ARG B 192 -23.67 -6.20 0.52
C ARG B 192 -23.28 -6.86 -0.81
N LYS B 193 -22.32 -7.79 -0.75
CA LYS B 193 -21.92 -8.56 -1.92
C LYS B 193 -23.09 -9.37 -2.47
N GLU B 194 -23.88 -9.93 -1.57
CA GLU B 194 -25.09 -10.69 -1.94
C GLU B 194 -26.12 -9.81 -2.62
N TYR B 195 -26.30 -8.59 -2.13
CA TYR B 195 -27.27 -7.66 -2.73
C TYR B 195 -26.85 -7.24 -4.14
N SER B 196 -25.53 -7.13 -4.36
CA SER B 196 -24.99 -6.81 -5.67
C SER B 196 -25.29 -7.91 -6.68
N VAL B 197 -25.02 -9.17 -6.31
CA VAL B 197 -25.27 -10.29 -7.21
C VAL B 197 -26.76 -10.64 -7.30
N SER B 198 -27.52 -10.32 -6.26
CA SER B 198 -28.97 -10.55 -6.23
C SER B 198 -29.75 -9.36 -6.81
N ARG B 199 -29.03 -8.29 -7.16
CA ARG B 199 -29.61 -7.05 -7.68
C ARG B 199 -30.65 -6.43 -6.74
N VAL B 200 -30.34 -6.47 -5.44
CA VAL B 200 -31.16 -5.83 -4.44
C VAL B 200 -30.65 -4.40 -4.29
N ASN B 201 -31.53 -3.44 -4.58
CA ASN B 201 -31.16 -2.03 -4.63
C ASN B 201 -31.25 -1.35 -3.27
N VAL B 202 -30.65 -1.97 -2.26
CA VAL B 202 -30.57 -1.41 -0.92
C VAL B 202 -29.09 -1.24 -0.59
N SER B 203 -28.69 -0.02 -0.26
CA SER B 203 -27.28 0.25 0.02
C SER B 203 -26.94 -0.08 1.46
N ILE B 204 -25.68 -0.46 1.69
CA ILE B 204 -25.19 -0.72 3.03
C ILE B 204 -23.93 0.12 3.26
N THR B 205 -24.00 0.98 4.28
CA THR B 205 -22.91 1.87 4.64
C THR B 205 -22.38 1.48 6.01
N LEU B 206 -21.09 1.13 6.05
CA LEU B 206 -20.44 0.82 7.31
C LEU B 206 -19.57 2.01 7.71
N CYS B 207 -19.82 2.53 8.90
CA CYS B 207 -19.11 3.71 9.36
C CYS B 207 -18.03 3.30 10.37
N VAL B 208 -16.81 3.78 10.16
CA VAL B 208 -15.71 3.45 11.05
C VAL B 208 -15.32 4.72 11.80
N LEU B 209 -15.58 4.74 13.09
CA LEU B 209 -15.41 5.94 13.89
C LEU B 209 -14.22 5.86 14.83
N GLY B 210 -13.42 6.93 14.82
CA GLY B 210 -12.39 7.13 15.84
C GLY B 210 -13.00 7.70 17.10
N LEU B 211 -12.18 8.37 17.91
CA LEU B 211 -12.67 8.97 19.15
C LEU B 211 -13.64 10.11 18.86
N ILE B 212 -14.87 9.96 19.35
CA ILE B 212 -15.92 10.99 19.20
C ILE B 212 -16.30 11.48 20.60
N ASP B 213 -16.50 12.79 20.73
CA ASP B 213 -16.71 13.41 22.03
C ASP B 213 -18.10 13.22 22.66
N THR B 214 -18.67 12.03 22.51
CA THR B 214 -19.90 11.69 23.23
C THR B 214 -19.58 11.55 24.71
N GLU B 215 -20.60 11.73 25.56
CA GLU B 215 -20.43 11.59 27.00
C GLU B 215 -19.87 10.22 27.37
N THR B 216 -20.40 9.18 26.72
CA THR B 216 -19.94 7.82 26.93
C THR B 216 -18.43 7.69 26.68
N ALA B 217 -17.97 8.21 25.54
CA ALA B 217 -16.55 8.10 25.19
C ALA B 217 -15.68 8.89 26.15
N MET B 218 -16.10 10.12 26.44
CA MET B 218 -15.31 11.00 27.29
C MET B 218 -15.14 10.42 28.70
N LYS B 219 -16.21 9.81 29.21
CA LYS B 219 -16.17 9.11 30.49
C LYS B 219 -15.28 7.87 30.42
N ALA B 220 -15.42 7.09 29.36
CA ALA B 220 -14.68 5.84 29.20
C ALA B 220 -13.16 6.03 29.11
N VAL B 221 -12.73 7.04 28.36
CA VAL B 221 -11.30 7.24 28.10
C VAL B 221 -10.59 8.03 29.20
N SER B 222 -11.37 8.63 30.10
CA SER B 222 -10.84 9.45 31.20
C SER B 222 -9.75 8.72 31.98
N GLY B 223 -8.57 9.33 32.02
CA GLY B 223 -7.45 8.81 32.79
C GLY B 223 -6.70 7.64 32.17
N ILE B 224 -7.12 7.20 31.00
CA ILE B 224 -6.46 6.08 30.32
C ILE B 224 -5.98 6.45 28.91
N VAL B 225 -6.83 7.12 28.14
CA VAL B 225 -6.45 7.60 26.81
C VAL B 225 -6.49 9.13 26.74
N HIS B 226 -5.43 9.72 26.18
CA HIS B 226 -5.37 11.16 25.95
C HIS B 226 -5.14 11.45 24.46
N MET B 227 -6.24 11.66 23.74
CA MET B 227 -6.21 11.93 22.30
C MET B 227 -7.24 12.99 21.93
N GLN B 228 -7.12 13.55 20.73
CA GLN B 228 -8.11 14.49 20.22
C GLN B 228 -9.45 13.80 19.98
N ALA B 229 -10.53 14.42 20.46
CA ALA B 229 -11.88 13.91 20.26
C ALA B 229 -12.59 14.70 19.16
N ALA B 230 -13.15 13.99 18.20
CA ALA B 230 -13.89 14.61 17.10
C ALA B 230 -15.30 14.99 17.56
N PRO B 231 -15.84 16.10 17.04
CA PRO B 231 -17.18 16.56 17.45
C PRO B 231 -18.28 15.62 16.99
N LYS B 232 -19.18 15.27 17.91
CA LYS B 232 -20.28 14.34 17.65
C LYS B 232 -21.27 14.85 16.61
N GLU B 233 -21.47 16.16 16.56
CA GLU B 233 -22.38 16.78 15.59
C GLU B 233 -21.90 16.54 14.16
N GLU B 234 -20.62 16.82 13.91
CA GLU B 234 -20.04 16.60 12.59
C GLU B 234 -19.95 15.11 12.26
N CYS B 235 -19.63 14.30 13.27
CA CYS B 235 -19.62 12.86 13.10
C CYS B 235 -20.97 12.36 12.57
N ALA B 236 -22.03 12.75 13.27
CA ALA B 236 -23.41 12.42 12.90
C ALA B 236 -23.75 12.83 11.47
N LEU B 237 -23.35 14.03 11.09
CA LEU B 237 -23.60 14.55 9.75
C LEU B 237 -22.91 13.70 8.67
N GLU B 238 -21.64 13.37 8.89
CA GLU B 238 -20.87 12.56 7.94
C GLU B 238 -21.47 11.16 7.74
N ILE B 239 -22.00 10.58 8.81
CA ILE B 239 -22.67 9.29 8.74
C ILE B 239 -23.91 9.38 7.86
N ILE B 240 -24.74 10.40 8.11
CA ILE B 240 -25.93 10.66 7.31
C ILE B 240 -25.57 10.90 5.84
N LYS B 241 -24.54 11.71 5.61
CA LYS B 241 -24.07 12.03 4.26
C LYS B 241 -23.67 10.76 3.50
N GLY B 242 -22.85 9.93 4.13
CA GLY B 242 -22.39 8.68 3.56
C GLY B 242 -23.53 7.72 3.27
N GLY B 243 -24.48 7.62 4.19
CA GLY B 243 -25.69 6.85 3.99
C GLY B 243 -26.50 7.34 2.80
N ALA B 244 -26.76 8.64 2.78
CA ALA B 244 -27.54 9.27 1.71
C ALA B 244 -26.90 9.09 0.33
N LEU B 245 -25.58 9.14 0.30
CA LEU B 245 -24.83 8.99 -0.95
C LEU B 245 -24.54 7.52 -1.29
N ARG B 246 -25.06 6.62 -0.46
CA ARG B 246 -24.94 5.16 -0.68
C ARG B 246 -23.49 4.69 -0.72
N GLN B 247 -22.64 5.33 0.08
CA GLN B 247 -21.24 4.94 0.17
C GLN B 247 -21.13 3.59 0.87
N GLU B 248 -20.10 2.82 0.53
CA GLU B 248 -19.89 1.53 1.17
C GLU B 248 -19.35 1.73 2.59
N GLU B 249 -18.40 2.65 2.74
CA GLU B 249 -17.82 2.93 4.03
C GLU B 249 -17.69 4.43 4.30
N VAL B 250 -17.88 4.81 5.56
CA VAL B 250 -17.64 6.17 6.04
C VAL B 250 -16.55 6.08 7.10
N TYR B 251 -15.50 6.87 6.94
CA TYR B 251 -14.46 6.95 7.96
C TYR B 251 -14.48 8.34 8.57
N TYR B 252 -14.61 8.40 9.89
CA TYR B 252 -14.57 9.68 10.59
C TYR B 252 -13.66 9.63 11.81
N ASP B 253 -12.64 10.49 11.78
CA ASP B 253 -11.67 10.61 12.87
C ASP B 253 -11.11 12.03 12.86
N SER B 254 -10.53 12.44 13.98
CA SER B 254 -9.90 13.76 14.10
C SER B 254 -8.72 13.92 13.14
N SER B 255 -8.05 12.80 12.84
CA SER B 255 -6.91 12.79 11.94
C SER B 255 -7.27 12.16 10.60
N LEU B 256 -6.91 12.81 9.51
CA LEU B 256 -7.14 12.27 8.17
C LEU B 256 -6.16 11.12 7.88
N TRP B 257 -5.06 11.08 8.61
CA TRP B 257 -4.08 10.02 8.50
C TRP B 257 -4.58 8.71 9.11
N THR B 258 -5.44 8.82 10.13
CA THR B 258 -6.13 7.66 10.67
C THR B 258 -7.01 7.01 9.60
N THR B 259 -7.78 7.85 8.89
CA THR B 259 -8.70 7.37 7.86
C THR B 259 -7.97 6.70 6.69
N LEU B 260 -6.73 7.14 6.44
CA LEU B 260 -5.85 6.51 5.45
C LEU B 260 -5.39 5.13 5.91
N LEU B 261 -5.13 5.01 7.21
CA LEU B 261 -4.64 3.75 7.80
C LEU B 261 -5.76 2.72 7.98
N ILE B 262 -7.00 3.19 7.95
CA ILE B 262 -8.13 2.28 8.13
C ILE B 262 -8.60 1.66 6.80
N ARG B 263 -8.25 2.30 5.69
CA ARG B 263 -8.52 1.76 4.36
C ARG B 263 -7.80 0.43 4.19
N ASN B 264 -8.44 -0.51 3.50
CA ASN B 264 -7.82 -1.80 3.21
C ASN B 264 -7.96 -2.14 1.72
N PRO B 265 -7.12 -1.54 0.88
CA PRO B 265 -7.17 -1.82 -0.56
C PRO B 265 -6.91 -3.28 -0.91
N SER B 266 -6.05 -3.96 -0.15
CA SER B 266 -5.74 -5.37 -0.38
C SER B 266 -7.00 -6.24 -0.27
N ARG B 267 -7.80 -5.96 0.75
CA ARG B 267 -9.08 -6.63 0.95
C ARG B 267 -10.01 -6.38 -0.25
N LYS B 268 -10.09 -5.12 -0.67
CA LYS B 268 -10.91 -4.74 -1.83
C LYS B 268 -10.48 -5.47 -3.11
N ILE B 269 -9.17 -5.67 -3.28
CA ILE B 269 -8.64 -6.37 -4.44
C ILE B 269 -9.03 -7.86 -4.39
N LEU B 270 -8.84 -8.48 -3.23
CA LEU B 270 -9.22 -9.87 -3.02
C LEU B 270 -10.71 -10.10 -3.31
N GLU B 271 -11.54 -9.15 -2.86
CA GLU B 271 -12.97 -9.22 -3.10
C GLU B 271 -13.33 -9.00 -4.57
N PHE B 272 -12.60 -8.09 -5.22
CA PHE B 272 -12.77 -7.84 -6.65
C PHE B 272 -12.41 -9.07 -7.48
N LEU B 273 -11.31 -9.73 -7.11
CA LEU B 273 -10.84 -10.93 -7.81
C LEU B 273 -11.81 -12.11 -7.65
N TYR B 274 -12.45 -12.22 -6.49
CA TYR B 274 -13.48 -13.23 -6.27
C TYR B 274 -14.72 -12.93 -7.11
N SER B 275 -15.09 -11.65 -7.17
CA SER B 275 -16.23 -11.19 -7.95
C SER B 275 -16.05 -11.46 -9.45
N THR B 276 -14.81 -11.38 -9.92
CA THR B 276 -14.46 -11.77 -11.28
C THR B 276 -14.35 -13.30 -11.36
N GLN C 15 22.59 -9.99 -4.12
CA GLN C 15 22.19 -10.58 -2.81
C GLN C 15 22.94 -9.93 -1.64
N PRO C 16 22.20 -9.36 -0.69
CA PRO C 16 22.81 -8.71 0.47
C PRO C 16 23.34 -9.74 1.47
N LEU C 17 24.30 -9.33 2.28
CA LEU C 17 24.88 -10.22 3.29
C LEU C 17 23.94 -10.32 4.50
N ASN C 18 23.49 -11.55 4.78
CA ASN C 18 22.69 -11.82 5.97
C ASN C 18 23.59 -11.81 7.21
N GLU C 19 24.07 -10.61 7.55
CA GLU C 19 25.06 -10.41 8.59
C GLU C 19 24.83 -9.08 9.29
N GLU C 20 25.24 -9.01 10.56
CA GLU C 20 25.32 -7.74 11.26
C GLU C 20 26.57 -7.03 10.75
N PHE C 21 26.46 -5.72 10.52
CA PHE C 21 27.62 -4.92 10.18
C PHE C 21 28.63 -4.90 11.32
N ARG C 22 29.90 -5.04 10.97
CA ARG C 22 31.01 -4.80 11.90
C ARG C 22 31.99 -3.87 11.19
N PRO C 23 32.57 -2.91 11.91
CA PRO C 23 33.59 -2.02 11.32
C PRO C 23 34.77 -2.77 10.71
N GLU C 24 35.05 -3.97 11.21
CA GLU C 24 36.13 -4.83 10.70
C GLU C 24 35.91 -5.28 9.26
N MET C 25 34.67 -5.20 8.79
CA MET C 25 34.35 -5.50 7.39
C MET C 25 35.09 -4.59 6.42
N LEU C 26 35.52 -3.43 6.90
CA LEU C 26 36.21 -2.45 6.08
C LEU C 26 37.72 -2.43 6.31
N GLN C 27 38.19 -3.24 7.25
CA GLN C 27 39.62 -3.32 7.56
C GLN C 27 40.42 -3.77 6.36
N GLY C 28 41.36 -2.95 5.94
CA GLY C 28 42.20 -3.26 4.78
C GLY C 28 41.50 -3.16 3.43
N LYS C 29 40.24 -2.75 3.43
CA LYS C 29 39.49 -2.58 2.18
C LYS C 29 39.95 -1.32 1.47
N LYS C 30 39.90 -1.36 0.14
CA LYS C 30 40.42 -0.27 -0.68
C LYS C 30 39.23 0.52 -1.20
N VAL C 31 39.09 1.75 -0.70
CA VAL C 31 37.88 2.52 -0.93
C VAL C 31 38.15 3.90 -1.52
N ILE C 32 37.43 4.23 -2.58
CA ILE C 32 37.38 5.60 -3.10
C ILE C 32 36.18 6.30 -2.46
N VAL C 33 36.40 7.52 -1.97
CA VAL C 33 35.29 8.39 -1.60
C VAL C 33 35.39 9.69 -2.40
N THR C 34 34.37 9.98 -3.19
CA THR C 34 34.32 11.24 -3.92
C THR C 34 33.52 12.27 -3.12
N GLY C 35 33.68 13.55 -3.46
CA GLY C 35 33.08 14.63 -2.69
C GLY C 35 33.45 14.54 -1.22
N ALA C 36 34.73 14.31 -0.95
CA ALA C 36 35.14 13.96 0.40
C ALA C 36 35.87 15.08 1.15
N SER C 37 35.86 16.29 0.58
CA SER C 37 36.49 17.44 1.23
C SER C 37 35.65 18.01 2.36
N LYS C 38 34.34 17.77 2.31
CA LYS C 38 33.42 18.26 3.33
C LYS C 38 32.16 17.41 3.41
N GLY C 39 31.26 17.80 4.30
CA GLY C 39 29.97 17.15 4.43
C GLY C 39 30.04 15.67 4.69
N ILE C 40 29.08 14.94 4.11
CA ILE C 40 28.95 13.50 4.32
C ILE C 40 30.17 12.71 3.81
N GLY C 41 30.71 13.13 2.66
CA GLY C 41 31.89 12.51 2.08
C GLY C 41 33.08 12.51 3.02
N ARG C 42 33.36 13.67 3.60
CA ARG C 42 34.44 13.79 4.58
C ARG C 42 34.22 12.84 5.77
N GLU C 43 32.98 12.79 6.26
CA GLU C 43 32.64 11.94 7.38
C GLU C 43 32.82 10.47 7.04
N MET C 44 32.51 10.10 5.80
CA MET C 44 32.73 8.73 5.34
C MET C 44 34.21 8.38 5.31
N ALA C 45 35.04 9.30 4.79
CA ALA C 45 36.49 9.13 4.80
C ALA C 45 36.98 8.87 6.23
N TYR C 46 36.52 9.69 7.17
CA TYR C 46 36.90 9.55 8.57
C TYR C 46 36.49 8.21 9.20
N HIS C 47 35.26 7.78 8.92
CA HIS C 47 34.78 6.47 9.40
C HIS C 47 35.63 5.35 8.83
N LEU C 48 35.86 5.38 7.53
CA LEU C 48 36.68 4.37 6.86
C LEU C 48 38.09 4.34 7.44
N ALA C 49 38.65 5.52 7.68
CA ALA C 49 39.96 5.65 8.30
C ALA C 49 40.00 4.97 9.68
N LYS C 50 38.98 5.23 10.49
CA LYS C 50 38.86 4.61 11.82
C LYS C 50 38.73 3.09 11.74
N MET C 51 38.12 2.61 10.65
CA MET C 51 37.98 1.18 10.41
C MET C 51 39.24 0.53 9.82
N GLY C 52 40.25 1.36 9.55
CA GLY C 52 41.52 0.87 9.03
C GLY C 52 41.48 0.52 7.55
N ALA C 53 40.61 1.19 6.80
CA ALA C 53 40.58 1.03 5.35
C ALA C 53 41.71 1.80 4.69
N HIS C 54 42.05 1.40 3.47
CA HIS C 54 42.82 2.24 2.56
C HIS C 54 41.80 3.18 1.92
N VAL C 55 42.10 4.47 1.92
CA VAL C 55 41.16 5.43 1.33
C VAL C 55 41.86 6.33 0.32
N VAL C 56 41.18 6.58 -0.80
CA VAL C 56 41.57 7.66 -1.68
C VAL C 56 40.38 8.58 -1.79
N VAL C 57 40.60 9.85 -1.45
CA VAL C 57 39.54 10.84 -1.42
C VAL C 57 39.74 11.83 -2.56
N THR C 58 38.63 12.36 -3.05
CA THR C 58 38.69 13.37 -4.10
C THR C 58 37.62 14.42 -3.91
N ALA C 59 37.89 15.58 -4.52
CA ALA C 59 37.05 16.77 -4.55
C ALA C 59 37.92 17.78 -5.29
N ARG C 60 37.45 19.01 -5.44
CA ARG C 60 38.25 20.04 -6.09
C ARG C 60 39.26 20.67 -5.14
N SER C 61 38.91 20.71 -3.86
CA SER C 61 39.67 21.49 -2.89
C SER C 61 40.94 20.77 -2.41
N LYS C 62 42.03 21.04 -3.12
CA LYS C 62 43.33 20.45 -2.82
C LYS C 62 43.74 20.64 -1.34
N GLU C 63 43.62 21.87 -0.84
CA GLU C 63 44.08 22.19 0.50
C GLU C 63 43.27 21.51 1.61
N THR C 64 41.95 21.48 1.47
CA THR C 64 41.15 20.80 2.48
C THR C 64 41.29 19.29 2.37
N LEU C 65 41.46 18.79 1.14
CA LEU C 65 41.70 17.35 0.94
C LEU C 65 42.95 16.85 1.65
N GLN C 66 44.04 17.64 1.61
CA GLN C 66 45.25 17.28 2.34
C GLN C 66 45.00 17.18 3.85
N LYS C 67 44.19 18.10 4.36
CA LYS C 67 43.79 18.10 5.77
C LYS C 67 42.96 16.86 6.11
N VAL C 68 42.04 16.50 5.21
CA VAL C 68 41.22 15.31 5.36
C VAL C 68 42.11 14.05 5.39
N VAL C 69 43.05 13.98 4.44
CA VAL C 69 44.01 12.88 4.38
C VAL C 69 44.83 12.78 5.66
N SER C 70 45.38 13.91 6.11
CA SER C 70 46.18 13.94 7.33
C SER C 70 45.39 13.43 8.53
N HIS C 71 44.13 13.84 8.62
CA HIS C 71 43.27 13.35 9.71
C HIS C 71 42.96 11.86 9.56
N CYS C 72 42.79 11.40 8.33
CA CYS C 72 42.53 9.99 8.07
C CYS C 72 43.70 9.13 8.57
N LEU C 73 44.92 9.57 8.29
CA LEU C 73 46.11 8.88 8.78
C LEU C 73 46.16 8.85 10.31
N GLU C 74 45.88 10.00 10.92
CA GLU C 74 45.75 10.12 12.38
C GLU C 74 44.75 9.12 12.95
N LEU C 75 43.61 8.98 12.27
CA LEU C 75 42.51 8.13 12.71
C LEU C 75 42.79 6.63 12.58
N GLY C 76 43.84 6.29 11.81
CA GLY C 76 44.27 4.92 11.68
C GLY C 76 44.01 4.29 10.33
N ALA C 77 43.87 5.11 9.28
CA ALA C 77 43.71 4.58 7.93
C ALA C 77 44.92 3.72 7.57
N ALA C 78 44.68 2.62 6.88
CA ALA C 78 45.77 1.77 6.38
C ALA C 78 46.69 2.59 5.47
N SER C 79 46.06 3.42 4.66
CA SER C 79 46.73 4.44 3.86
C SER C 79 45.67 5.47 3.50
N ALA C 80 46.10 6.68 3.17
CA ALA C 80 45.18 7.72 2.73
C ALA C 80 45.86 8.67 1.76
N HIS C 81 45.18 8.92 0.64
CA HIS C 81 45.69 9.82 -0.38
C HIS C 81 44.53 10.63 -0.92
N TYR C 82 44.85 11.80 -1.47
CA TYR C 82 43.86 12.57 -2.20
C TYR C 82 44.33 12.80 -3.62
N ILE C 83 43.37 12.99 -4.52
CA ILE C 83 43.64 13.47 -5.86
C ILE C 83 42.60 14.53 -6.11
N ALA C 84 43.05 15.76 -6.35
CA ALA C 84 42.13 16.88 -6.52
C ALA C 84 41.77 17.08 -7.98
N GLY C 85 40.49 17.34 -8.23
CA GLY C 85 40.04 17.69 -9.55
C GLY C 85 38.54 17.90 -9.62
N THR C 86 38.09 18.37 -10.77
CA THR C 86 36.65 18.56 -10.95
C THR C 86 36.03 17.42 -11.73
N MET C 87 34.90 16.93 -11.23
CA MET C 87 34.19 15.84 -11.87
C MET C 87 33.34 16.31 -13.05
N GLU C 88 33.47 17.58 -13.41
CA GLU C 88 32.96 18.09 -14.69
C GLU C 88 33.83 17.54 -15.82
N ASP C 89 35.07 17.18 -15.48
CA ASP C 89 36.05 16.70 -16.45
C ASP C 89 36.05 15.18 -16.47
N MET C 90 35.48 14.60 -17.53
CA MET C 90 35.35 13.14 -17.62
C MET C 90 36.70 12.43 -17.78
N THR C 91 37.67 13.13 -18.35
CA THR C 91 39.05 12.61 -18.42
C THR C 91 39.67 12.54 -17.03
N PHE C 92 39.43 13.56 -16.22
CA PHE C 92 39.90 13.52 -14.85
C PHE C 92 39.28 12.32 -14.13
N ALA C 93 37.97 12.14 -14.29
CA ALA C 93 37.26 11.03 -13.66
C ALA C 93 37.91 9.69 -13.99
N GLU C 94 38.17 9.48 -15.28
CA GLU C 94 38.80 8.26 -15.77
C GLU C 94 40.21 8.06 -15.17
N GLN C 95 41.04 9.10 -15.28
CA GLN C 95 42.41 9.07 -14.75
C GLN C 95 42.44 8.93 -13.24
N PHE C 96 41.47 9.54 -12.55
CA PHE C 96 41.42 9.50 -11.10
C PHE C 96 41.31 8.06 -10.59
N VAL C 97 40.38 7.30 -11.19
CA VAL C 97 40.15 5.91 -10.78
C VAL C 97 41.39 5.05 -11.04
N ALA C 98 42.00 5.22 -12.20
CA ALA C 98 43.23 4.50 -12.54
C ALA C 98 44.33 4.78 -11.51
N GLN C 99 44.46 6.04 -11.13
CA GLN C 99 45.48 6.51 -10.19
C GLN C 99 45.17 6.00 -8.77
N ALA C 100 43.91 6.11 -8.37
CA ALA C 100 43.46 5.63 -7.06
C ALA C 100 43.70 4.13 -6.93
N GLY C 101 43.38 3.39 -7.98
CA GLY C 101 43.64 1.95 -8.03
C GLY C 101 45.10 1.59 -7.81
N LYS C 102 46.00 2.36 -8.41
CA LYS C 102 47.44 2.15 -8.26
C LYS C 102 47.91 2.49 -6.84
N LEU C 103 47.34 3.54 -6.28
CA LEU C 103 47.69 4.01 -4.94
C LEU C 103 47.37 2.96 -3.87
N MET C 104 46.31 2.20 -4.11
CA MET C 104 45.81 1.24 -3.13
C MET C 104 46.12 -0.21 -3.52
N GLY C 105 46.47 -0.43 -4.78
CA GLY C 105 46.71 -1.78 -5.28
C GLY C 105 45.41 -2.54 -5.50
N GLY C 106 44.41 -1.83 -6.02
CA GLY C 106 43.09 -2.41 -6.24
C GLY C 106 41.97 -1.52 -5.74
N LEU C 107 40.75 -2.03 -5.81
CA LEU C 107 39.58 -1.31 -5.36
C LEU C 107 38.50 -2.29 -4.91
N ASP C 108 37.99 -2.06 -3.70
CA ASP C 108 36.95 -2.89 -3.12
C ASP C 108 35.60 -2.17 -3.09
N MET C 109 35.65 -0.86 -2.90
CA MET C 109 34.42 -0.06 -2.79
C MET C 109 34.58 1.30 -3.45
N LEU C 110 33.60 1.64 -4.27
CA LEU C 110 33.56 2.93 -4.93
C LEU C 110 32.38 3.72 -4.38
N ILE C 111 32.68 4.74 -3.57
CA ILE C 111 31.64 5.58 -2.98
C ILE C 111 31.51 6.87 -3.77
N LEU C 112 30.39 6.99 -4.48
CA LEU C 112 30.12 8.12 -5.35
C LEU C 112 29.15 9.06 -4.65
N ASN C 113 29.67 10.23 -4.29
CA ASN C 113 29.00 11.09 -3.33
C ASN C 113 28.95 12.56 -3.76
N HIS C 114 29.89 12.97 -4.62
CA HIS C 114 30.00 14.38 -5.02
C HIS C 114 28.79 14.87 -5.80
N ILE C 115 28.51 16.16 -5.66
CA ILE C 115 27.52 16.85 -6.48
C ILE C 115 28.07 18.23 -6.82
N THR C 116 27.57 18.80 -7.90
CA THR C 116 27.87 20.18 -8.23
C THR C 116 27.02 21.10 -7.35
N ASN C 117 27.45 22.35 -7.19
CA ASN C 117 26.77 23.32 -6.34
C ASN C 117 25.28 23.41 -6.69
N THR C 118 24.44 23.16 -5.68
CA THR C 118 22.99 23.22 -5.83
C THR C 118 22.35 24.01 -4.69
N SER C 119 21.47 24.94 -5.06
CA SER C 119 20.69 25.70 -4.08
C SER C 119 19.21 25.63 -4.42
N LEU C 120 18.36 26.09 -3.51
CA LEU C 120 16.92 26.10 -3.75
C LEU C 120 16.53 27.31 -4.58
N ASN C 121 16.21 27.07 -5.85
CA ASN C 121 15.76 28.12 -6.76
C ASN C 121 14.80 27.57 -7.80
N LEU C 122 13.82 28.38 -8.19
CA LEU C 122 12.90 28.03 -9.27
C LEU C 122 13.67 27.83 -10.57
N PHE C 123 13.19 26.90 -11.41
CA PHE C 123 13.79 26.71 -12.72
C PHE C 123 13.34 27.83 -13.66
N HIS C 124 14.31 28.64 -14.08
CA HIS C 124 14.08 29.72 -15.02
C HIS C 124 15.13 29.67 -16.13
N ASP C 125 14.83 28.92 -17.20
CA ASP C 125 15.64 28.86 -18.41
C ASP C 125 17.10 28.43 -18.21
N ASP C 126 17.42 27.89 -17.04
CA ASP C 126 18.81 27.56 -16.71
C ASP C 126 19.25 26.20 -17.24
N ILE C 127 19.36 26.11 -18.57
CA ILE C 127 19.80 24.89 -19.25
C ILE C 127 21.25 24.55 -18.88
N HIS C 128 22.06 25.59 -18.67
CA HIS C 128 23.44 25.45 -18.20
C HIS C 128 23.51 24.62 -16.92
N HIS C 129 22.66 24.94 -15.95
CA HIS C 129 22.64 24.26 -14.66
C HIS C 129 22.12 22.83 -14.81
N VAL C 130 21.09 22.65 -15.64
CA VAL C 130 20.58 21.30 -15.93
C VAL C 130 21.69 20.42 -16.51
N ARG C 131 22.38 20.94 -17.53
CA ARG C 131 23.46 20.19 -18.16
C ARG C 131 24.60 19.91 -17.18
N LYS C 132 25.01 20.93 -16.43
CA LYS C 132 26.09 20.78 -15.46
C LYS C 132 25.73 19.77 -14.37
N SER C 133 24.49 19.83 -13.89
CA SER C 133 24.01 18.88 -12.89
C SER C 133 24.04 17.46 -13.45
N MET C 134 23.57 17.30 -14.69
CA MET C 134 23.61 15.98 -15.34
C MET C 134 25.04 15.48 -15.50
N GLU C 135 25.95 16.37 -15.91
CA GLU C 135 27.34 16.01 -16.12
C GLU C 135 28.03 15.59 -14.83
N VAL C 136 27.96 16.46 -13.83
CA VAL C 136 28.68 16.22 -12.57
C VAL C 136 27.97 15.16 -11.71
N ASN C 137 26.67 15.31 -11.53
CA ASN C 137 25.94 14.45 -10.60
C ASN C 137 25.63 13.08 -11.15
N PHE C 138 25.54 12.95 -12.47
CA PHE C 138 25.16 11.67 -13.06
C PHE C 138 26.24 11.08 -13.95
N LEU C 139 26.58 11.78 -15.02
CA LEU C 139 27.50 11.23 -16.02
C LEU C 139 28.84 10.84 -15.43
N SER C 140 29.41 11.70 -14.58
CA SER C 140 30.70 11.39 -13.96
C SER C 140 30.63 10.11 -13.11
N TYR C 141 29.48 9.85 -12.49
CA TYR C 141 29.29 8.62 -11.72
C TYR C 141 29.38 7.41 -12.64
N VAL C 142 28.82 7.54 -13.83
CA VAL C 142 28.87 6.48 -14.83
C VAL C 142 30.30 6.27 -15.32
N VAL C 143 30.99 7.37 -15.62
CA VAL C 143 32.38 7.31 -16.08
C VAL C 143 33.28 6.67 -15.01
N LEU C 144 33.12 7.10 -13.77
CA LEU C 144 33.87 6.53 -12.65
C LEU C 144 33.63 5.03 -12.50
N THR C 145 32.37 4.64 -12.64
CA THR C 145 31.97 3.23 -12.54
C THR C 145 32.62 2.40 -13.64
N VAL C 146 32.51 2.86 -14.88
CA VAL C 146 33.15 2.17 -16.01
C VAL C 146 34.64 1.99 -15.76
N ALA C 147 35.29 3.05 -15.27
CA ALA C 147 36.72 3.00 -14.98
C ALA C 147 37.06 2.05 -13.83
N ALA C 148 36.15 1.96 -12.85
CA ALA C 148 36.37 1.15 -11.65
C ALA C 148 36.00 -0.31 -11.81
N LEU C 149 35.14 -0.62 -12.78
CA LEU C 149 34.53 -1.95 -12.87
C LEU C 149 35.50 -3.13 -12.97
N PRO C 150 36.56 -3.04 -13.80
CA PRO C 150 37.56 -4.12 -13.84
C PRO C 150 38.12 -4.46 -12.46
N MET C 151 38.49 -3.44 -11.68
CA MET C 151 39.03 -3.66 -10.33
C MET C 151 37.96 -4.20 -9.38
N LEU C 152 36.74 -3.68 -9.51
CA LEU C 152 35.63 -4.12 -8.67
C LEU C 152 35.23 -5.56 -8.95
N LYS C 153 35.33 -5.96 -10.21
CA LYS C 153 35.06 -7.34 -10.61
C LYS C 153 36.12 -8.27 -10.02
N GLN C 154 37.37 -7.80 -10.01
CA GLN C 154 38.49 -8.53 -9.43
C GLN C 154 38.29 -8.83 -7.95
N SER C 155 37.71 -7.86 -7.23
CA SER C 155 37.57 -7.94 -5.79
C SER C 155 36.18 -8.36 -5.33
N ASN C 156 35.28 -8.60 -6.28
CA ASN C 156 33.86 -8.81 -5.97
C ASN C 156 33.35 -7.64 -5.12
N GLY C 157 33.67 -6.44 -5.58
CA GLY C 157 33.49 -5.23 -4.81
C GLY C 157 32.10 -4.62 -4.84
N SER C 158 32.05 -3.34 -4.50
CA SER C 158 30.79 -2.64 -4.27
C SER C 158 30.81 -1.23 -4.80
N ILE C 159 29.70 -0.82 -5.39
CA ILE C 159 29.49 0.57 -5.79
C ILE C 159 28.41 1.16 -4.86
N VAL C 160 28.74 2.30 -4.26
CA VAL C 160 27.77 2.98 -3.42
C VAL C 160 27.45 4.33 -4.05
N VAL C 161 26.17 4.53 -4.33
CA VAL C 161 25.72 5.73 -5.03
C VAL C 161 24.88 6.54 -4.06
N VAL C 162 25.38 7.73 -3.73
CA VAL C 162 24.68 8.57 -2.76
C VAL C 162 23.62 9.39 -3.47
N SER C 163 22.37 9.20 -3.06
CA SER C 163 21.25 9.94 -3.63
C SER C 163 20.43 10.61 -2.54
N SER C 164 19.16 10.84 -2.85
CA SER C 164 18.39 11.84 -2.14
C SER C 164 16.91 11.53 -2.20
N LEU C 165 16.17 12.06 -1.24
CA LEU C 165 14.71 12.05 -1.33
C LEU C 165 14.26 12.65 -2.66
N ALA C 166 14.96 13.70 -3.10
CA ALA C 166 14.69 14.36 -4.38
C ALA C 166 15.12 13.50 -5.58
N GLY C 167 15.70 12.34 -5.28
CA GLY C 167 16.00 11.34 -6.30
C GLY C 167 14.98 10.22 -6.34
N LYS C 168 13.94 10.33 -5.50
CA LYS C 168 12.87 9.33 -5.44
C LYS C 168 11.49 9.96 -5.53
N VAL C 169 11.38 11.21 -5.08
CA VAL C 169 10.15 11.97 -5.20
C VAL C 169 10.45 13.40 -5.70
N ALA C 170 9.42 14.08 -6.17
CA ALA C 170 9.59 15.40 -6.77
C ALA C 170 9.52 16.49 -5.71
N TYR C 171 10.43 17.46 -5.82
CA TYR C 171 10.40 18.65 -4.98
C TYR C 171 10.55 19.88 -5.86
N PRO C 172 9.86 20.96 -5.54
CA PRO C 172 10.11 22.24 -6.21
C PRO C 172 11.49 22.76 -5.83
N MET C 173 12.09 23.59 -6.68
CA MET C 173 13.35 24.30 -6.39
C MET C 173 14.63 23.49 -6.60
N VAL C 174 14.50 22.21 -6.95
CA VAL C 174 15.65 21.35 -7.21
C VAL C 174 15.48 20.53 -8.49
N ALA C 175 14.87 21.14 -9.51
CA ALA C 175 14.54 20.42 -10.75
C ALA C 175 15.73 19.76 -11.42
N ALA C 176 16.80 20.52 -11.65
CA ALA C 176 18.01 20.01 -12.31
C ALA C 176 18.68 18.93 -11.48
N TYR C 177 18.76 19.17 -10.17
CA TYR C 177 19.35 18.22 -9.25
C TYR C 177 18.54 16.92 -9.22
N SER C 178 17.22 17.05 -9.11
CA SER C 178 16.31 15.91 -9.07
C SER C 178 16.45 15.04 -10.33
N ALA C 179 16.49 15.69 -11.49
CA ALA C 179 16.70 15.00 -12.75
C ALA C 179 17.95 14.12 -12.70
N SER C 180 19.06 14.66 -12.19
CA SER C 180 20.31 13.93 -12.12
C SER C 180 20.28 12.77 -11.14
N LYS C 181 19.57 12.96 -10.03
CA LYS C 181 19.47 11.91 -9.02
C LYS C 181 18.50 10.80 -9.43
N PHE C 182 17.39 11.18 -10.07
CA PHE C 182 16.48 10.20 -10.66
C PHE C 182 17.25 9.37 -11.70
N ALA C 183 18.07 10.05 -12.50
CA ALA C 183 18.86 9.38 -13.54
C ALA C 183 19.79 8.32 -12.94
N LEU C 184 20.38 8.62 -11.78
CA LEU C 184 21.22 7.66 -11.08
C LEU C 184 20.44 6.41 -10.72
N ASP C 185 19.23 6.60 -10.22
CA ASP C 185 18.35 5.49 -9.88
C ASP C 185 18.09 4.62 -11.11
N GLY C 186 17.62 5.25 -12.19
CA GLY C 186 17.34 4.54 -13.41
C GLY C 186 18.54 3.78 -13.94
N PHE C 187 19.69 4.44 -13.99
CA PHE C 187 20.89 3.80 -14.54
C PHE C 187 21.37 2.67 -13.66
N PHE C 188 21.66 2.99 -12.40
CA PHE C 188 22.30 2.02 -11.52
C PHE C 188 21.42 0.86 -11.11
N SER C 189 20.12 1.11 -11.01
CA SER C 189 19.18 0.02 -10.74
C SER C 189 19.05 -0.91 -11.94
N SER C 190 19.16 -0.35 -13.14
CA SER C 190 19.16 -1.15 -14.35
C SER C 190 20.41 -2.02 -14.48
N ILE C 191 21.59 -1.43 -14.28
CA ILE C 191 22.81 -2.23 -14.35
C ILE C 191 22.88 -3.26 -13.22
N ARG C 192 22.28 -2.95 -12.05
CA ARG C 192 22.15 -3.95 -11.00
C ARG C 192 21.41 -5.20 -11.49
N LYS C 193 20.32 -4.98 -12.20
CA LYS C 193 19.55 -6.09 -12.77
C LYS C 193 20.37 -6.85 -13.82
N GLU C 194 21.20 -6.12 -14.55
CA GLU C 194 22.10 -6.71 -15.54
C GLU C 194 23.19 -7.55 -14.89
N TYR C 195 23.74 -7.07 -13.79
CA TYR C 195 24.79 -7.80 -13.07
C TYR C 195 24.25 -9.09 -12.47
N SER C 196 22.98 -9.05 -12.05
CA SER C 196 22.32 -10.23 -11.53
C SER C 196 22.17 -11.32 -12.61
N VAL C 197 21.75 -10.92 -13.81
CA VAL C 197 21.60 -11.88 -14.91
C VAL C 197 22.94 -12.27 -15.55
N SER C 198 23.92 -11.39 -15.47
CA SER C 198 25.25 -11.63 -16.03
C SER C 198 26.18 -12.30 -15.03
N ARG C 199 25.70 -12.48 -13.80
CA ARG C 199 26.47 -13.06 -12.70
C ARG C 199 27.75 -12.27 -12.41
N VAL C 200 27.64 -10.95 -12.47
CA VAL C 200 28.73 -10.05 -12.11
C VAL C 200 28.60 -9.78 -10.61
N ASN C 201 29.63 -10.17 -9.86
CA ASN C 201 29.56 -10.12 -8.40
C ASN C 201 29.98 -8.77 -7.82
N VAL C 202 29.41 -7.71 -8.38
CA VAL C 202 29.63 -6.35 -7.90
C VAL C 202 28.28 -5.81 -7.41
N SER C 203 28.24 -5.44 -6.14
CA SER C 203 27.00 -4.91 -5.56
C SER C 203 26.83 -3.44 -5.87
N ILE C 204 25.57 -3.01 -5.93
CA ILE C 204 25.23 -1.61 -6.15
C ILE C 204 24.27 -1.18 -5.05
N THR C 205 24.68 -0.17 -4.29
CA THR C 205 23.88 0.34 -3.19
C THR C 205 23.48 1.77 -3.51
N LEU C 206 22.17 2.03 -3.53
CA LEU C 206 21.68 3.40 -3.70
C LEU C 206 21.20 3.93 -2.37
N CYS C 207 21.75 5.06 -1.95
CA CYS C 207 21.40 5.66 -0.67
C CYS C 207 20.42 6.81 -0.87
N VAL C 208 19.29 6.78 -0.17
CA VAL C 208 18.31 7.84 -0.25
C VAL C 208 18.32 8.63 1.04
N LEU C 209 18.78 9.88 0.96
CA LEU C 209 18.98 10.70 2.15
C LEU C 209 17.98 11.82 2.30
N GLY C 210 17.49 11.99 3.52
CA GLY C 210 16.71 13.14 3.92
C GLY C 210 17.65 14.27 4.28
N LEU C 211 17.14 15.22 5.07
CA LEU C 211 17.95 16.37 5.50
C LEU C 211 19.07 15.94 6.44
N ILE C 212 20.30 16.21 6.01
CA ILE C 212 21.50 15.89 6.77
C ILE C 212 22.20 17.20 7.11
N ASP C 213 22.70 17.32 8.34
CA ASP C 213 23.18 18.61 8.86
C ASP C 213 24.55 19.08 8.35
N THR C 214 24.85 18.82 7.07
CA THR C 214 26.06 19.37 6.46
C THR C 214 25.94 20.89 6.33
N GLU C 215 27.08 21.58 6.33
CA GLU C 215 27.10 23.03 6.14
C GLU C 215 26.31 23.45 4.90
N THR C 216 26.49 22.69 3.81
CA THR C 216 25.79 22.95 2.56
C THR C 216 24.27 22.91 2.74
N ALA C 217 23.77 21.84 3.36
CA ALA C 217 22.34 21.67 3.56
C ALA C 217 21.77 22.76 4.47
N MET C 218 22.49 23.06 5.55
CA MET C 218 22.02 24.04 6.54
C MET C 218 21.93 25.44 5.96
N LYS C 219 22.92 25.79 5.13
CA LYS C 219 22.89 27.08 4.43
C LYS C 219 21.78 27.11 3.37
N ALA C 220 21.59 25.99 2.67
CA ALA C 220 20.61 25.91 1.58
C ALA C 220 19.16 26.03 2.04
N VAL C 221 18.82 25.39 3.16
CA VAL C 221 17.44 25.37 3.66
C VAL C 221 17.08 26.59 4.51
N SER C 222 18.06 27.43 4.78
CA SER C 222 17.86 28.68 5.51
C SER C 222 17.70 29.83 4.50
N GLY C 223 16.54 30.47 4.46
CA GLY C 223 15.41 30.13 5.30
C GLY C 223 14.18 29.82 4.48
N ILE C 224 14.10 28.58 4.01
CA ILE C 224 13.00 28.11 3.19
C ILE C 224 12.32 26.93 3.89
N VAL C 225 13.14 25.97 4.33
CA VAL C 225 12.68 24.76 4.99
C VAL C 225 13.14 24.75 6.44
N HIS C 226 12.21 24.53 7.37
CA HIS C 226 12.53 24.40 8.78
C HIS C 226 12.20 23.00 9.29
N MET C 227 13.14 22.08 9.11
CA MET C 227 12.95 20.68 9.47
C MET C 227 14.12 20.16 10.30
N GLN C 228 13.90 19.04 10.98
CA GLN C 228 14.94 18.36 11.75
C GLN C 228 16.00 17.76 10.83
N ALA C 229 17.25 18.11 11.08
CA ALA C 229 18.38 17.61 10.30
C ALA C 229 19.07 16.46 11.03
N ALA C 230 19.31 15.38 10.30
CA ALA C 230 20.00 14.21 10.83
C ALA C 230 21.51 14.47 10.88
N PRO C 231 22.22 13.87 11.84
CA PRO C 231 23.68 14.06 11.95
C PRO C 231 24.45 13.45 10.79
N LYS C 232 25.38 14.24 10.23
CA LYS C 232 26.19 13.81 9.09
C LYS C 232 27.10 12.62 9.41
N GLU C 233 27.59 12.55 10.65
CA GLU C 233 28.46 11.45 11.07
C GLU C 233 27.72 10.11 11.00
N GLU C 234 26.50 10.09 11.54
CA GLU C 234 25.67 8.88 11.53
C GLU C 234 25.26 8.51 10.10
N CYS C 235 24.89 9.54 9.33
CA CYS C 235 24.53 9.34 7.93
C CYS C 235 25.64 8.63 7.16
N ALA C 236 26.86 9.15 7.31
CA ALA C 236 28.05 8.59 6.68
C ALA C 236 28.25 7.14 7.05
N LEU C 237 28.09 6.82 8.33
CA LEU C 237 28.22 5.45 8.81
C LEU C 237 27.19 4.52 8.17
N GLU C 238 25.93 4.96 8.15
CA GLU C 238 24.84 4.17 7.56
C GLU C 238 25.07 3.87 6.08
N ILE C 239 25.63 4.83 5.35
CA ILE C 239 25.98 4.64 3.94
C ILE C 239 27.02 3.53 3.79
N ILE C 240 28.10 3.63 4.56
CA ILE C 240 29.16 2.62 4.57
C ILE C 240 28.59 1.25 4.94
N LYS C 241 27.76 1.22 5.98
CA LYS C 241 27.10 0.01 6.44
C LYS C 241 26.36 -0.69 5.30
N GLY C 242 25.51 0.07 4.61
CA GLY C 242 24.72 -0.45 3.51
C GLY C 242 25.56 -1.01 2.39
N GLY C 243 26.62 -0.29 2.03
CA GLY C 243 27.56 -0.74 1.03
C GLY C 243 28.29 -2.01 1.46
N ALA C 244 28.77 -2.02 2.70
CA ALA C 244 29.46 -3.18 3.27
C ALA C 244 28.58 -4.43 3.27
N LEU C 245 27.30 -4.23 3.58
CA LEU C 245 26.33 -5.33 3.62
C LEU C 245 25.72 -5.65 2.25
N ARG C 246 26.17 -4.91 1.22
CA ARG C 246 25.74 -5.13 -0.17
C ARG C 246 24.23 -5.00 -0.34
N GLN C 247 23.64 -4.07 0.41
CA GLN C 247 22.21 -3.85 0.35
C GLN C 247 21.88 -3.04 -0.89
N GLU C 248 20.70 -3.28 -1.47
CA GLU C 248 20.32 -2.59 -2.70
C GLU C 248 20.07 -1.11 -2.45
N GLU C 249 19.37 -0.80 -1.36
CA GLU C 249 19.09 0.59 -1.01
C GLU C 249 19.29 0.86 0.47
N VAL C 250 19.78 2.06 0.78
CA VAL C 250 19.91 2.55 2.15
C VAL C 250 19.08 3.81 2.28
N TYR C 251 18.23 3.84 3.29
CA TYR C 251 17.42 5.03 3.55
C TYR C 251 17.86 5.65 4.87
N TYR C 252 18.19 6.93 4.83
CA TYR C 252 18.56 7.64 6.04
C TYR C 252 17.86 8.98 6.19
N ASP C 253 17.10 9.10 7.28
CA ASP C 253 16.36 10.31 7.60
C ASP C 253 16.20 10.41 9.11
N SER C 254 15.90 11.61 9.59
CA SER C 254 15.69 11.83 11.03
C SER C 254 14.39 11.14 11.51
N SER C 255 13.48 10.88 10.59
CA SER C 255 12.22 10.21 10.90
C SER C 255 12.17 8.80 10.30
N LEU C 256 11.90 7.81 11.14
CA LEU C 256 11.78 6.42 10.71
C LEU C 256 10.58 6.23 9.79
N TRP C 257 9.59 7.12 9.92
CA TRP C 257 8.37 7.07 9.11
C TRP C 257 8.58 7.61 7.70
N THR C 258 9.63 8.41 7.52
CA THR C 258 10.03 8.85 6.18
C THR C 258 10.56 7.66 5.38
N THR C 259 11.40 6.84 6.00
CA THR C 259 12.01 5.69 5.34
C THR C 259 10.96 4.67 4.90
N LEU C 260 9.88 4.57 5.68
CA LEU C 260 8.75 3.72 5.35
C LEU C 260 8.03 4.22 4.08
N LEU C 261 8.03 5.54 3.88
CA LEU C 261 7.41 6.13 2.69
C LEU C 261 8.31 6.09 1.45
N ILE C 262 9.61 5.89 1.64
CA ILE C 262 10.56 5.83 0.51
C ILE C 262 10.46 4.48 -0.21
N ARG C 263 10.17 3.43 0.55
CA ARG C 263 10.04 2.09 -0.01
C ARG C 263 9.02 2.06 -1.15
N ASN C 264 9.29 1.27 -2.17
CA ASN C 264 8.38 1.11 -3.29
C ASN C 264 8.20 -0.36 -3.66
N PRO C 265 7.40 -1.08 -2.89
CA PRO C 265 7.21 -2.52 -3.14
C PRO C 265 6.51 -2.80 -4.47
N SER C 266 5.66 -1.88 -4.92
CA SER C 266 4.99 -1.99 -6.21
C SER C 266 6.01 -2.07 -7.34
N ARG C 267 7.04 -1.23 -7.25
CA ARG C 267 8.13 -1.23 -8.22
C ARG C 267 8.88 -2.56 -8.15
N LYS C 268 9.19 -3.00 -6.93
CA LYS C 268 9.86 -4.28 -6.69
C LYS C 268 9.08 -5.45 -7.29
N ILE C 269 7.75 -5.42 -7.16
CA ILE C 269 6.90 -6.47 -7.71
C ILE C 269 6.97 -6.49 -9.25
N LEU C 270 6.88 -5.31 -9.86
CA LEU C 270 6.96 -5.19 -11.31
C LEU C 270 8.28 -5.74 -11.85
N GLU C 271 9.38 -5.40 -11.16
CA GLU C 271 10.71 -5.86 -11.53
C GLU C 271 10.86 -7.37 -11.33
N PHE C 272 10.23 -7.89 -10.28
CA PHE C 272 10.24 -9.32 -9.99
C PHE C 272 9.50 -10.09 -11.08
N LEU C 273 8.33 -9.56 -11.48
CA LEU C 273 7.50 -10.18 -12.51
C LEU C 273 8.19 -10.18 -13.88
N TYR C 274 9.00 -9.16 -14.14
CA TYR C 274 9.76 -9.10 -15.39
C TYR C 274 10.89 -10.13 -15.40
N SER C 275 11.62 -10.22 -14.30
CA SER C 275 12.77 -11.12 -14.19
C SER C 275 12.41 -12.60 -14.29
N THR C 276 11.20 -12.93 -13.82
CA THR C 276 10.72 -14.31 -13.84
C THR C 276 9.77 -14.57 -15.00
N GLN D 15 -3.68 20.61 -11.53
CA GLN D 15 -5.14 20.40 -11.36
C GLN D 15 -5.81 20.03 -12.69
N PRO D 16 -6.31 18.79 -12.79
CA PRO D 16 -6.96 18.31 -14.01
C PRO D 16 -8.38 18.85 -14.18
N LEU D 17 -8.87 18.82 -15.42
CA LEU D 17 -10.24 19.26 -15.72
C LEU D 17 -11.24 18.19 -15.29
N ASN D 18 -12.19 18.58 -14.44
CA ASN D 18 -13.19 17.66 -13.89
C ASN D 18 -14.32 17.35 -14.88
N GLU D 19 -13.94 16.79 -16.03
CA GLU D 19 -14.89 16.45 -17.08
C GLU D 19 -14.38 15.34 -18.01
N GLU D 20 -15.29 14.74 -18.76
CA GLU D 20 -14.94 13.71 -19.74
C GLU D 20 -14.30 14.34 -20.97
N PHE D 21 -13.41 13.58 -21.62
CA PHE D 21 -12.73 14.05 -22.83
C PHE D 21 -13.67 14.11 -24.02
N ARG D 22 -13.55 15.18 -24.80
CA ARG D 22 -14.24 15.32 -26.08
C ARG D 22 -13.21 15.68 -27.15
N PRO D 23 -13.32 15.09 -28.34
CA PRO D 23 -12.40 15.38 -29.45
C PRO D 23 -12.36 16.87 -29.80
N GLU D 24 -13.40 17.60 -29.43
CA GLU D 24 -13.53 19.04 -29.69
C GLU D 24 -12.57 19.89 -28.85
N MET D 25 -11.98 19.28 -27.81
CA MET D 25 -11.01 19.96 -26.94
C MET D 25 -9.72 20.32 -27.69
N LEU D 26 -9.45 19.60 -28.78
CA LEU D 26 -8.25 19.81 -29.58
C LEU D 26 -8.51 20.60 -30.86
N GLN D 27 -9.78 20.89 -31.13
CA GLN D 27 -10.17 21.64 -32.31
C GLN D 27 -9.55 23.03 -32.30
N GLY D 28 -8.73 23.31 -33.31
CA GLY D 28 -8.08 24.59 -33.45
C GLY D 28 -6.88 24.81 -32.53
N LYS D 29 -6.52 23.79 -31.76
CA LYS D 29 -5.38 23.88 -30.86
C LYS D 29 -4.08 23.75 -31.64
N LYS D 30 -3.06 24.46 -31.17
CA LYS D 30 -1.76 24.51 -31.83
C LYS D 30 -0.82 23.54 -31.11
N VAL D 31 -0.49 22.44 -31.78
CA VAL D 31 0.21 21.34 -31.14
C VAL D 31 1.49 20.95 -31.87
N ILE D 32 2.58 20.85 -31.12
CA ILE D 32 3.83 20.30 -31.62
C ILE D 32 3.89 18.82 -31.23
N VAL D 33 4.22 17.96 -32.19
CA VAL D 33 4.53 16.56 -31.88
C VAL D 33 5.94 16.24 -32.36
N THR D 34 6.82 15.86 -31.43
CA THR D 34 8.16 15.43 -31.81
C THR D 34 8.18 13.92 -32.01
N GLY D 35 9.17 13.44 -32.75
CA GLY D 35 9.30 12.03 -33.09
C GLY D 35 8.02 11.53 -33.74
N ALA D 36 7.55 12.26 -34.74
CA ALA D 36 6.21 12.04 -35.29
C ALA D 36 6.22 11.44 -36.69
N SER D 37 7.38 10.96 -37.14
CA SER D 37 7.52 10.34 -38.45
C SER D 37 7.02 8.90 -38.48
N LYS D 38 7.01 8.27 -37.31
CA LYS D 38 6.56 6.89 -37.15
C LYS D 38 6.11 6.62 -35.71
N GLY D 39 5.67 5.39 -35.47
CA GLY D 39 5.30 4.94 -34.14
C GLY D 39 4.18 5.74 -33.50
N ILE D 40 4.29 5.93 -32.19
CA ILE D 40 3.26 6.62 -31.41
C ILE D 40 3.13 8.09 -31.82
N GLY D 41 4.26 8.72 -32.11
CA GLY D 41 4.29 10.11 -32.55
C GLY D 41 3.47 10.35 -33.81
N ARG D 42 3.62 9.47 -34.79
CA ARG D 42 2.84 9.56 -36.02
C ARG D 42 1.35 9.40 -35.72
N GLU D 43 1.02 8.41 -34.89
CA GLU D 43 -0.36 8.14 -34.51
C GLU D 43 -1.00 9.33 -33.78
N MET D 44 -0.21 10.00 -32.95
CA MET D 44 -0.68 11.19 -32.24
C MET D 44 -0.98 12.32 -33.22
N ALA D 45 -0.08 12.53 -34.18
CA ALA D 45 -0.28 13.51 -35.24
C ALA D 45 -1.59 13.26 -35.99
N TYR D 46 -1.86 11.98 -36.28
CA TYR D 46 -3.05 11.56 -37.00
C TYR D 46 -4.34 11.82 -36.20
N HIS D 47 -4.31 11.47 -34.91
CA HIS D 47 -5.45 11.73 -34.02
C HIS D 47 -5.74 13.23 -33.90
N LEU D 48 -4.69 14.02 -33.78
CA LEU D 48 -4.81 15.48 -33.68
C LEU D 48 -5.38 16.08 -34.96
N ALA D 49 -4.95 15.51 -36.10
CA ALA D 49 -5.45 15.92 -37.41
C ALA D 49 -6.95 15.62 -37.54
N LYS D 50 -7.34 14.43 -37.09
CA LYS D 50 -8.75 14.04 -37.06
C LYS D 50 -9.57 14.98 -36.18
N MET D 51 -8.94 15.49 -35.13
CA MET D 51 -9.60 16.43 -34.20
C MET D 51 -9.60 17.87 -34.72
N GLY D 52 -8.94 18.11 -35.84
CA GLY D 52 -8.88 19.43 -36.45
C GLY D 52 -7.95 20.38 -35.73
N ALA D 53 -6.85 19.84 -35.19
CA ALA D 53 -5.83 20.66 -34.56
C ALA D 53 -4.87 21.20 -35.61
N HIS D 54 -4.17 22.27 -35.27
CA HIS D 54 -2.99 22.71 -36.02
C HIS D 54 -1.82 21.90 -35.47
N VAL D 55 -1.06 21.27 -36.37
CA VAL D 55 0.05 20.43 -35.95
C VAL D 55 1.35 20.80 -36.66
N VAL D 56 2.44 20.86 -35.90
CA VAL D 56 3.78 20.88 -36.49
C VAL D 56 4.48 19.63 -36.01
N VAL D 57 4.87 18.78 -36.96
CA VAL D 57 5.54 17.52 -36.65
C VAL D 57 7.04 17.61 -36.91
N THR D 58 7.81 16.90 -36.10
CA THR D 58 9.25 16.88 -36.30
C THR D 58 9.86 15.49 -36.10
N ALA D 59 10.98 15.29 -36.78
CA ALA D 59 11.81 14.09 -36.73
C ALA D 59 12.98 14.42 -37.64
N ARG D 60 13.85 13.44 -37.93
CA ARG D 60 15.03 13.70 -38.75
C ARG D 60 14.76 13.62 -40.26
N SER D 61 13.86 12.71 -40.64
CA SER D 61 13.63 12.42 -42.06
C SER D 61 12.50 13.28 -42.65
N LYS D 62 12.88 14.19 -43.54
CA LYS D 62 11.92 15.10 -44.18
C LYS D 62 10.94 14.37 -45.08
N GLU D 63 11.38 13.28 -45.70
CA GLU D 63 10.57 12.50 -46.63
C GLU D 63 9.40 11.78 -45.93
N THR D 64 9.69 11.18 -44.79
CA THR D 64 8.66 10.47 -44.01
C THR D 64 7.73 11.46 -43.29
N LEU D 65 8.28 12.60 -42.89
CA LEU D 65 7.49 13.67 -42.28
C LEU D 65 6.51 14.27 -43.29
N GLN D 66 6.98 14.43 -44.52
CA GLN D 66 6.15 14.91 -45.63
C GLN D 66 4.90 14.04 -45.79
N LYS D 67 5.09 12.72 -45.71
CA LYS D 67 3.99 11.76 -45.78
C LYS D 67 3.00 11.95 -44.64
N VAL D 68 3.52 12.16 -43.42
CA VAL D 68 2.70 12.39 -42.24
C VAL D 68 1.87 13.67 -42.38
N VAL D 69 2.51 14.75 -42.81
CA VAL D 69 1.84 16.03 -43.01
C VAL D 69 0.72 15.90 -44.05
N SER D 70 1.02 15.23 -45.15
CA SER D 70 0.06 15.00 -46.23
C SER D 70 -1.15 14.23 -45.74
N HIS D 71 -0.93 13.19 -44.94
CA HIS D 71 -2.03 12.42 -44.36
C HIS D 71 -2.80 13.19 -43.30
N CYS D 72 -2.09 14.06 -42.56
CA CYS D 72 -2.71 14.92 -41.56
C CYS D 72 -3.75 15.86 -42.22
N LEU D 73 -3.37 16.45 -43.34
CA LEU D 73 -4.27 17.34 -44.09
C LEU D 73 -5.47 16.57 -44.67
N GLU D 74 -5.24 15.31 -45.05
CA GLU D 74 -6.29 14.43 -45.54
C GLU D 74 -7.32 14.12 -44.46
N LEU D 75 -6.84 13.91 -43.23
CA LEU D 75 -7.68 13.57 -42.10
C LEU D 75 -8.43 14.76 -41.53
N GLY D 76 -8.05 15.96 -41.95
CA GLY D 76 -8.76 17.18 -41.60
C GLY D 76 -8.08 18.08 -40.59
N ALA D 77 -6.75 18.11 -40.62
CA ALA D 77 -5.99 19.02 -39.78
C ALA D 77 -6.26 20.46 -40.18
N ALA D 78 -6.40 21.33 -39.19
CA ALA D 78 -6.58 22.77 -39.45
C ALA D 78 -5.40 23.32 -40.24
N SER D 79 -4.22 22.82 -39.92
CA SER D 79 -3.01 23.01 -40.71
C SER D 79 -1.99 21.96 -40.28
N ALA D 80 -1.05 21.63 -41.18
CA ALA D 80 0.01 20.70 -40.87
C ALA D 80 1.32 21.11 -41.55
N HIS D 81 2.39 21.13 -40.77
CA HIS D 81 3.72 21.46 -41.28
C HIS D 81 4.73 20.54 -40.61
N TYR D 82 5.84 20.30 -41.30
CA TYR D 82 6.96 19.60 -40.68
C TYR D 82 8.20 20.49 -40.67
N ILE D 83 9.04 20.28 -39.66
CA ILE D 83 10.38 20.82 -39.65
C ILE D 83 11.29 19.65 -39.31
N ALA D 84 12.25 19.37 -40.19
CA ALA D 84 13.13 18.23 -40.02
C ALA D 84 14.45 18.61 -39.36
N GLY D 85 14.95 17.72 -38.50
CA GLY D 85 16.23 17.92 -37.86
C GLY D 85 16.46 16.95 -36.72
N THR D 86 17.67 16.96 -36.18
CA THR D 86 18.02 16.08 -35.07
C THR D 86 17.99 16.80 -33.73
N MET D 87 17.40 16.15 -32.73
CA MET D 87 17.34 16.69 -31.39
C MET D 87 18.65 16.47 -30.62
N GLU D 88 19.67 15.96 -31.32
CA GLU D 88 21.04 15.96 -30.83
C GLU D 88 21.56 17.40 -30.84
N ASP D 89 20.99 18.20 -31.73
CA ASP D 89 21.35 19.60 -31.93
C ASP D 89 20.44 20.49 -31.09
N MET D 90 20.97 21.01 -29.99
CA MET D 90 20.20 21.88 -29.08
C MET D 90 19.80 23.20 -29.72
N THR D 91 20.62 23.67 -30.67
CA THR D 91 20.28 24.87 -31.43
C THR D 91 19.05 24.61 -32.29
N PHE D 92 19.00 23.45 -32.95
CA PHE D 92 17.83 23.08 -33.73
C PHE D 92 16.59 22.99 -32.84
N ALA D 93 16.72 22.35 -31.69
CA ALA D 93 15.62 22.22 -30.73
C ALA D 93 15.02 23.59 -30.41
N GLU D 94 15.87 24.54 -30.04
CA GLU D 94 15.45 25.91 -29.71
C GLU D 94 14.78 26.61 -30.89
N GLN D 95 15.41 26.53 -32.06
CA GLN D 95 14.91 27.22 -33.25
C GLN D 95 13.66 26.56 -33.83
N PHE D 96 13.54 25.26 -33.63
CA PHE D 96 12.37 24.51 -34.09
C PHE D 96 11.09 25.04 -33.43
N VAL D 97 11.13 25.17 -32.11
CA VAL D 97 9.98 25.65 -31.35
C VAL D 97 9.54 27.04 -31.80
N ALA D 98 10.51 27.95 -31.97
CA ALA D 98 10.23 29.29 -32.44
C ALA D 98 9.58 29.29 -33.83
N GLN D 99 10.12 28.45 -34.72
CA GLN D 99 9.59 28.33 -36.08
C GLN D 99 8.21 27.68 -36.10
N ALA D 100 8.03 26.64 -35.28
CA ALA D 100 6.74 25.97 -35.13
C ALA D 100 5.69 26.93 -34.58
N GLY D 101 6.09 27.74 -33.60
CA GLY D 101 5.23 28.76 -33.03
C GLY D 101 4.87 29.85 -34.01
N LYS D 102 5.84 30.24 -34.83
CA LYS D 102 5.63 31.22 -35.90
C LYS D 102 4.62 30.70 -36.91
N LEU D 103 4.78 29.45 -37.32
CA LEU D 103 3.92 28.79 -38.30
C LEU D 103 2.45 28.71 -37.85
N MET D 104 2.25 28.54 -36.54
CA MET D 104 0.91 28.31 -35.99
C MET D 104 0.32 29.56 -35.32
N GLY D 105 1.16 30.56 -35.07
CA GLY D 105 0.72 31.77 -34.37
C GLY D 105 0.53 31.53 -32.88
N GLY D 106 1.32 30.62 -32.33
CA GLY D 106 1.25 30.28 -30.92
C GLY D 106 1.39 28.78 -30.69
N LEU D 107 1.16 28.37 -29.44
CA LEU D 107 1.30 26.98 -29.05
C LEU D 107 0.43 26.66 -27.85
N ASP D 108 -0.37 25.60 -27.98
CA ASP D 108 -1.25 25.15 -26.91
C ASP D 108 -0.74 23.89 -26.22
N MET D 109 -0.10 23.02 -27.00
CA MET D 109 0.37 21.75 -26.47
C MET D 109 1.70 21.35 -27.09
N LEU D 110 2.65 21.01 -26.22
CA LEU D 110 3.95 20.53 -26.65
C LEU D 110 4.06 19.06 -26.29
N ILE D 111 4.00 18.20 -27.30
CA ILE D 111 4.12 16.77 -27.08
C ILE D 111 5.55 16.32 -27.39
N LEU D 112 6.25 15.96 -26.33
CA LEU D 112 7.65 15.53 -26.41
C LEU D 112 7.71 14.02 -26.40
N ASN D 113 8.15 13.44 -27.51
CA ASN D 113 7.96 12.01 -27.76
C ASN D 113 9.19 11.31 -28.35
N HIS D 114 10.04 12.07 -29.03
CA HIS D 114 11.23 11.51 -29.67
C HIS D 114 12.20 10.86 -28.69
N ILE D 115 12.87 9.82 -29.15
CA ILE D 115 13.99 9.23 -28.42
C ILE D 115 15.08 8.88 -29.42
N THR D 116 16.32 8.80 -28.94
CA THR D 116 17.40 8.30 -29.78
C THR D 116 17.26 6.78 -29.92
N ASN D 117 17.72 6.24 -31.04
CA ASN D 117 17.60 4.80 -31.30
C ASN D 117 18.14 3.98 -30.13
N THR D 118 17.29 3.09 -29.62
CA THR D 118 17.64 2.24 -28.49
C THR D 118 17.22 0.79 -28.71
N SER D 119 18.11 -0.14 -28.35
CA SER D 119 17.80 -1.56 -28.41
C SER D 119 18.15 -2.23 -27.09
N LEU D 120 17.76 -3.50 -26.94
CA LEU D 120 18.01 -4.24 -25.72
C LEU D 120 19.43 -4.82 -25.73
N ASN D 121 20.31 -4.19 -24.96
CA ASN D 121 21.68 -4.65 -24.85
C ASN D 121 22.26 -4.35 -23.47
N LEU D 122 23.11 -5.25 -22.99
CA LEU D 122 23.83 -5.04 -21.73
C LEU D 122 24.64 -3.75 -21.80
N PHE D 123 24.77 -3.07 -20.66
CA PHE D 123 25.64 -1.92 -20.59
C PHE D 123 27.09 -2.41 -20.56
N HIS D 124 27.73 -2.27 -21.72
CA HIS D 124 29.10 -2.68 -21.95
C HIS D 124 29.96 -1.43 -22.10
N ASP D 125 30.13 -0.72 -20.98
CA ASP D 125 30.91 0.51 -20.91
C ASP D 125 30.61 1.49 -22.05
N ASP D 126 29.32 1.56 -22.43
CA ASP D 126 28.89 2.42 -23.52
C ASP D 126 28.50 3.81 -23.04
N ILE D 127 29.50 4.60 -22.64
CA ILE D 127 29.28 5.97 -22.16
C ILE D 127 28.69 6.83 -23.28
N HIS D 128 29.10 6.58 -24.51
CA HIS D 128 28.62 7.32 -25.67
C HIS D 128 27.09 7.20 -25.82
N HIS D 129 26.57 6.00 -25.58
CA HIS D 129 25.12 5.78 -25.62
C HIS D 129 24.41 6.43 -24.43
N VAL D 130 25.04 6.39 -23.26
CA VAL D 130 24.50 7.07 -22.07
C VAL D 130 24.38 8.56 -22.35
N ARG D 131 25.46 9.16 -22.84
CA ARG D 131 25.48 10.57 -23.20
C ARG D 131 24.42 10.94 -24.25
N LYS D 132 24.39 10.19 -25.36
CA LYS D 132 23.43 10.47 -26.44
C LYS D 132 21.99 10.30 -25.98
N SER D 133 21.74 9.30 -25.14
CA SER D 133 20.41 9.09 -24.56
C SER D 133 20.02 10.27 -23.68
N MET D 134 20.95 10.73 -22.84
CA MET D 134 20.68 11.88 -21.98
C MET D 134 20.43 13.16 -22.77
N GLU D 135 21.20 13.37 -23.83
CA GLU D 135 21.05 14.56 -24.66
C GLU D 135 19.74 14.56 -25.45
N VAL D 136 19.46 13.47 -26.15
CA VAL D 136 18.29 13.40 -27.03
C VAL D 136 17.01 13.16 -26.25
N ASN D 137 17.03 12.19 -25.33
CA ASN D 137 15.82 11.80 -24.61
C ASN D 137 15.45 12.74 -23.48
N PHE D 138 16.44 13.46 -22.94
CA PHE D 138 16.18 14.32 -21.78
C PHE D 138 16.52 15.80 -22.01
N LEU D 139 17.78 16.09 -22.30
CA LEU D 139 18.20 17.48 -22.41
C LEU D 139 17.42 18.26 -23.46
N SER D 140 17.19 17.64 -24.62
CA SER D 140 16.42 18.30 -25.68
C SER D 140 14.99 18.61 -25.24
N TYR D 141 14.38 17.73 -24.44
CA TYR D 141 13.05 17.97 -23.88
C TYR D 141 13.03 19.24 -23.04
N VAL D 142 14.08 19.43 -22.25
CA VAL D 142 14.22 20.64 -21.42
C VAL D 142 14.38 21.88 -22.30
N VAL D 143 15.29 21.80 -23.27
CA VAL D 143 15.51 22.90 -24.21
C VAL D 143 14.23 23.27 -24.95
N LEU D 144 13.52 22.27 -25.46
CA LEU D 144 12.24 22.49 -26.15
C LEU D 144 11.21 23.14 -25.22
N THR D 145 11.18 22.72 -23.97
CA THR D 145 10.27 23.28 -22.96
C THR D 145 10.56 24.75 -22.68
N VAL D 146 11.82 25.07 -22.42
CA VAL D 146 12.26 26.45 -22.20
C VAL D 146 11.86 27.34 -23.38
N ALA D 147 12.06 26.84 -24.60
CA ALA D 147 11.71 27.58 -25.81
C ALA D 147 10.21 27.77 -25.96
N ALA D 148 9.44 26.77 -25.53
CA ALA D 148 7.99 26.75 -25.70
C ALA D 148 7.21 27.46 -24.60
N LEU D 149 7.83 27.62 -23.43
CA LEU D 149 7.14 28.10 -22.23
C LEU D 149 6.44 29.47 -22.36
N PRO D 150 7.09 30.49 -22.90
CA PRO D 150 6.42 31.79 -23.12
C PRO D 150 5.09 31.64 -23.87
N MET D 151 5.07 30.87 -24.96
CA MET D 151 3.85 30.64 -25.73
C MET D 151 2.82 29.83 -24.95
N LEU D 152 3.28 28.84 -24.20
CA LEU D 152 2.40 28.00 -23.39
C LEU D 152 1.79 28.77 -22.23
N LYS D 153 2.56 29.71 -21.67
CA LYS D 153 2.08 30.58 -20.61
C LYS D 153 1.00 31.52 -21.14
N GLN D 154 1.15 31.92 -22.40
CA GLN D 154 0.18 32.78 -23.07
C GLN D 154 -1.16 32.07 -23.27
N SER D 155 -1.08 30.78 -23.59
CA SER D 155 -2.27 29.99 -23.94
C SER D 155 -2.81 29.14 -22.79
N ASN D 156 -2.15 29.22 -21.63
CA ASN D 156 -2.43 28.31 -20.50
C ASN D 156 -2.37 26.86 -20.98
N GLY D 157 -1.29 26.56 -21.71
CA GLY D 157 -1.16 25.33 -22.46
C GLY D 157 -0.66 24.15 -21.65
N SER D 158 -0.16 23.15 -22.36
CA SER D 158 0.20 21.86 -21.77
C SER D 158 1.47 21.29 -22.35
N ILE D 159 2.28 20.68 -21.48
CA ILE D 159 3.44 19.91 -21.90
C ILE D 159 3.12 18.45 -21.66
N VAL D 160 3.31 17.63 -22.69
CA VAL D 160 3.11 16.20 -22.58
C VAL D 160 4.45 15.51 -22.81
N VAL D 161 4.91 14.80 -21.79
CA VAL D 161 6.19 14.11 -21.84
C VAL D 161 5.94 12.62 -21.92
N VAL D 162 6.36 12.01 -23.03
CA VAL D 162 6.19 10.58 -23.22
C VAL D 162 7.33 9.84 -22.53
N SER D 163 6.96 8.99 -21.58
CA SER D 163 7.93 8.16 -20.89
C SER D 163 7.48 6.71 -20.91
N SER D 164 7.95 5.93 -19.93
CA SER D 164 8.04 4.50 -20.10
C SER D 164 8.00 3.80 -18.77
N LEU D 165 7.64 2.52 -18.80
CA LEU D 165 7.76 1.69 -17.60
C LEU D 165 9.19 1.72 -17.10
N ALA D 166 10.15 1.70 -18.04
CA ALA D 166 11.57 1.80 -17.72
C ALA D 166 11.98 3.19 -17.23
N GLY D 167 11.02 4.12 -17.19
CA GLY D 167 11.21 5.42 -16.58
C GLY D 167 10.60 5.50 -15.18
N LYS D 168 10.05 4.38 -14.72
CA LYS D 168 9.43 4.29 -13.39
C LYS D 168 10.00 3.14 -12.57
N VAL D 169 10.39 2.08 -13.25
CA VAL D 169 11.03 0.93 -12.60
C VAL D 169 12.26 0.51 -13.40
N ALA D 170 13.11 -0.31 -12.80
CA ALA D 170 14.37 -0.69 -13.42
C ALA D 170 14.23 -1.95 -14.26
N TYR D 171 14.82 -1.93 -15.44
CA TYR D 171 14.90 -3.10 -16.31
C TYR D 171 16.33 -3.30 -16.76
N PRO D 172 16.77 -4.56 -16.89
CA PRO D 172 18.06 -4.81 -17.52
C PRO D 172 17.97 -4.48 -19.01
N MET D 173 19.11 -4.18 -19.63
CA MET D 173 19.23 -4.02 -21.08
C MET D 173 18.84 -2.66 -21.64
N VAL D 174 18.37 -1.76 -20.76
CA VAL D 174 17.97 -0.40 -21.15
C VAL D 174 18.50 0.65 -20.17
N ALA D 175 19.71 0.44 -19.66
CA ALA D 175 20.25 1.31 -18.61
C ALA D 175 20.34 2.79 -19.01
N ALA D 176 20.92 3.08 -20.16
CA ALA D 176 21.07 4.47 -20.62
C ALA D 176 19.71 5.13 -20.87
N TYR D 177 18.82 4.36 -21.49
CA TYR D 177 17.46 4.80 -21.76
C TYR D 177 16.71 5.09 -20.46
N SER D 178 16.76 4.13 -19.53
CA SER D 178 16.11 4.27 -18.23
C SER D 178 16.59 5.52 -17.49
N ALA D 179 17.91 5.74 -17.47
CA ALA D 179 18.49 6.95 -16.89
C ALA D 179 17.82 8.21 -17.43
N SER D 180 17.70 8.29 -18.75
CA SER D 180 17.12 9.46 -19.41
C SER D 180 15.64 9.66 -19.08
N LYS D 181 14.90 8.55 -19.00
CA LYS D 181 13.47 8.61 -18.72
C LYS D 181 13.20 8.89 -17.24
N PHE D 182 14.01 8.31 -16.36
CA PHE D 182 13.95 8.66 -14.94
C PHE D 182 14.20 10.15 -14.75
N ALA D 183 15.20 10.67 -15.47
CA ALA D 183 15.54 12.10 -15.42
C ALA D 183 14.36 12.98 -15.79
N LEU D 184 13.59 12.57 -16.78
CA LEU D 184 12.39 13.30 -17.21
C LEU D 184 11.37 13.40 -16.09
N ASP D 185 11.15 12.28 -15.40
CA ASP D 185 10.25 12.26 -14.25
C ASP D 185 10.73 13.24 -13.19
N GLY D 186 11.98 13.11 -12.77
CA GLY D 186 12.55 14.01 -11.79
C GLY D 186 12.42 15.47 -12.17
N PHE D 187 12.84 15.80 -13.39
CA PHE D 187 12.80 17.18 -13.83
C PHE D 187 11.38 17.73 -13.98
N PHE D 188 10.56 17.04 -14.77
CA PHE D 188 9.24 17.56 -15.10
C PHE D 188 8.27 17.52 -13.92
N SER D 189 8.42 16.53 -13.05
CA SER D 189 7.59 16.47 -11.85
C SER D 189 7.97 17.57 -10.87
N SER D 190 9.25 17.93 -10.86
CA SER D 190 9.73 19.03 -10.02
C SER D 190 9.24 20.39 -10.51
N ILE D 191 9.33 20.65 -11.81
CA ILE D 191 8.83 21.94 -12.32
C ILE D 191 7.31 22.04 -12.24
N ARG D 192 6.63 20.89 -12.29
CA ARG D 192 5.18 20.86 -12.08
C ARG D 192 4.85 21.42 -10.70
N LYS D 193 5.59 20.97 -9.70
CA LYS D 193 5.42 21.49 -8.35
C LYS D 193 5.73 22.98 -8.28
N GLU D 194 6.73 23.41 -9.06
CA GLU D 194 7.10 24.82 -9.14
C GLU D 194 5.99 25.66 -9.77
N TYR D 195 5.40 25.16 -10.85
CA TYR D 195 4.33 25.87 -11.54
C TYR D 195 3.08 25.98 -10.67
N SER D 196 2.85 24.97 -9.85
CA SER D 196 1.75 24.98 -8.90
C SER D 196 1.87 26.11 -7.86
N VAL D 197 3.08 26.30 -7.34
CA VAL D 197 3.33 27.31 -6.32
C VAL D 197 3.60 28.71 -6.89
N SER D 198 4.02 28.76 -8.16
CA SER D 198 4.33 30.01 -8.84
C SER D 198 3.17 30.50 -9.71
N ARG D 199 2.04 29.80 -9.60
CA ARG D 199 0.80 30.13 -10.32
C ARG D 199 0.96 30.13 -11.84
N VAL D 200 1.85 29.27 -12.34
CA VAL D 200 2.05 29.11 -13.77
C VAL D 200 1.05 28.08 -14.28
N ASN D 201 0.11 28.54 -15.10
CA ASN D 201 -0.99 27.70 -15.57
C ASN D 201 -0.64 26.91 -16.82
N VAL D 202 0.50 26.24 -16.77
CA VAL D 202 0.90 25.30 -17.81
C VAL D 202 0.92 23.92 -17.19
N SER D 203 0.11 23.01 -17.72
CA SER D 203 0.03 21.66 -17.19
C SER D 203 1.16 20.79 -17.72
N ILE D 204 1.56 19.80 -16.91
CA ILE D 204 2.59 18.85 -17.32
C ILE D 204 2.04 17.44 -17.14
N THR D 205 2.05 16.68 -18.23
CA THR D 205 1.55 15.31 -18.23
C THR D 205 2.71 14.36 -18.55
N LEU D 206 2.96 13.43 -17.64
CA LEU D 206 3.95 12.39 -17.86
C LEU D 206 3.25 11.07 -18.19
N CYS D 207 3.58 10.51 -19.34
CA CYS D 207 2.95 9.27 -19.81
C CYS D 207 3.87 8.09 -19.59
N VAL D 208 3.34 7.05 -18.94
CA VAL D 208 4.12 5.85 -18.66
C VAL D 208 3.55 4.70 -19.49
N LEU D 209 4.33 4.27 -20.48
CA LEU D 209 3.87 3.27 -21.43
C LEU D 209 4.55 1.92 -21.28
N GLY D 210 3.73 0.87 -21.34
CA GLY D 210 4.21 -0.50 -21.44
C GLY D 210 4.54 -0.81 -22.88
N LEU D 211 4.52 -2.08 -23.24
CA LEU D 211 4.80 -2.49 -24.62
C LEU D 211 3.74 -2.00 -25.58
N ILE D 212 4.15 -1.19 -26.55
CA ILE D 212 3.28 -0.64 -27.59
C ILE D 212 3.76 -1.17 -28.93
N ASP D 213 2.83 -1.61 -29.78
CA ASP D 213 3.16 -2.34 -30.99
C ASP D 213 3.74 -1.51 -32.15
N THR D 214 4.60 -0.55 -31.84
CA THR D 214 5.31 0.20 -32.88
C THR D 214 6.32 -0.73 -33.56
N GLU D 215 6.67 -0.42 -34.80
CA GLU D 215 7.69 -1.17 -35.53
C GLU D 215 8.98 -1.30 -34.72
N THR D 216 9.40 -0.19 -34.12
CA THR D 216 10.61 -0.15 -33.28
C THR D 216 10.53 -1.16 -32.13
N ALA D 217 9.41 -1.14 -31.39
CA ALA D 217 9.26 -2.02 -30.24
C ALA D 217 9.23 -3.49 -30.61
N MET D 218 8.48 -3.84 -31.66
CA MET D 218 8.32 -5.23 -32.07
C MET D 218 9.62 -5.83 -32.58
N LYS D 219 10.43 -5.00 -33.24
CA LYS D 219 11.77 -5.41 -33.67
C LYS D 219 12.69 -5.61 -32.47
N ALA D 220 12.63 -4.67 -31.52
CA ALA D 220 13.50 -4.69 -30.34
C ALA D 220 13.25 -5.89 -29.43
N VAL D 221 11.99 -6.24 -29.22
CA VAL D 221 11.63 -7.33 -28.29
C VAL D 221 11.62 -8.72 -28.94
N SER D 222 11.72 -8.75 -30.27
CA SER D 222 11.69 -10.02 -31.01
C SER D 222 12.70 -11.03 -30.46
N GLY D 223 12.19 -12.19 -30.06
CA GLY D 223 13.01 -13.27 -29.53
C GLY D 223 13.65 -13.01 -28.16
N ILE D 224 13.26 -11.91 -27.52
CA ILE D 224 13.80 -11.55 -26.20
C ILE D 224 12.70 -11.45 -25.14
N VAL D 225 11.70 -10.63 -25.43
CA VAL D 225 10.54 -10.46 -24.54
C VAL D 225 9.29 -10.94 -25.27
N HIS D 226 8.57 -11.88 -24.65
CA HIS D 226 7.32 -12.38 -25.22
C HIS D 226 6.12 -11.92 -24.41
N MET D 227 5.71 -10.68 -24.66
CA MET D 227 4.55 -10.08 -24.00
C MET D 227 3.59 -9.53 -25.04
N GLN D 228 2.33 -9.40 -24.67
CA GLN D 228 1.34 -8.85 -25.59
C GLN D 228 1.48 -7.33 -25.69
N ALA D 229 1.50 -6.84 -26.92
CA ALA D 229 1.69 -5.42 -27.19
C ALA D 229 0.35 -4.71 -27.32
N ALA D 230 0.27 -3.52 -26.72
CA ALA D 230 -0.92 -2.68 -26.84
C ALA D 230 -0.89 -1.90 -28.15
N PRO D 231 -2.05 -1.64 -28.75
CA PRO D 231 -2.11 -0.92 -30.03
C PRO D 231 -1.62 0.52 -29.94
N LYS D 232 -0.80 0.91 -30.92
CA LYS D 232 -0.21 2.25 -30.96
C LYS D 232 -1.24 3.34 -31.16
N GLU D 233 -2.32 3.03 -31.89
CA GLU D 233 -3.40 3.99 -32.14
C GLU D 233 -4.09 4.42 -30.87
N GLU D 234 -4.52 3.45 -30.06
CA GLU D 234 -5.20 3.73 -28.80
C GLU D 234 -4.24 4.38 -27.79
N CYS D 235 -2.99 3.93 -27.79
CA CYS D 235 -1.96 4.51 -26.95
C CYS D 235 -1.83 6.01 -27.21
N ALA D 236 -1.68 6.36 -28.49
CA ALA D 236 -1.58 7.74 -28.93
C ALA D 236 -2.75 8.59 -28.47
N LEU D 237 -3.96 8.05 -28.60
CA LEU D 237 -5.18 8.72 -28.19
C LEU D 237 -5.21 8.97 -26.68
N GLU D 238 -4.82 7.96 -25.90
CA GLU D 238 -4.80 8.07 -24.44
C GLU D 238 -3.82 9.13 -23.95
N ILE D 239 -2.68 9.26 -24.64
CA ILE D 239 -1.73 10.32 -24.35
C ILE D 239 -2.36 11.70 -24.58
N ILE D 240 -2.99 11.87 -25.75
CA ILE D 240 -3.63 13.13 -26.10
C ILE D 240 -4.75 13.47 -25.10
N LYS D 241 -5.55 12.46 -24.75
CA LYS D 241 -6.61 12.59 -23.77
C LYS D 241 -6.09 13.14 -22.45
N GLY D 242 -5.05 12.50 -21.92
CA GLY D 242 -4.46 12.89 -20.65
C GLY D 242 -3.91 14.30 -20.66
N GLY D 243 -3.25 14.68 -21.77
CA GLY D 243 -2.74 16.03 -21.94
C GLY D 243 -3.84 17.07 -22.02
N ALA D 244 -4.88 16.77 -22.79
CA ALA D 244 -6.04 17.65 -22.93
C ALA D 244 -6.73 17.85 -21.58
N LEU D 245 -6.84 16.76 -20.81
CA LEU D 245 -7.48 16.80 -19.50
C LEU D 245 -6.56 17.30 -18.38
N ARG D 246 -5.33 17.66 -18.75
CA ARG D 246 -4.33 18.21 -17.83
C ARG D 246 -4.04 17.28 -16.64
N GLN D 247 -4.07 15.97 -16.91
CA GLN D 247 -3.74 14.95 -15.91
C GLN D 247 -2.24 14.99 -15.64
N GLU D 248 -1.86 14.70 -14.40
CA GLU D 248 -0.44 14.67 -14.03
C GLU D 248 0.27 13.49 -14.70
N GLU D 249 -0.33 12.31 -14.64
CA GLU D 249 0.27 11.12 -15.24
C GLU D 249 -0.75 10.31 -16.03
N VAL D 250 -0.28 9.73 -17.14
CA VAL D 250 -1.07 8.82 -17.96
C VAL D 250 -0.37 7.47 -17.98
N TYR D 251 -1.12 6.41 -17.73
CA TYR D 251 -0.57 5.06 -17.76
C TYR D 251 -1.25 4.26 -18.86
N TYR D 252 -0.44 3.71 -19.76
CA TYR D 252 -0.98 2.86 -20.81
C TYR D 252 -0.22 1.55 -20.98
N ASP D 253 -0.94 0.46 -20.74
CA ASP D 253 -0.43 -0.90 -20.88
C ASP D 253 -1.60 -1.82 -21.21
N SER D 254 -1.30 -2.97 -21.79
CA SER D 254 -2.34 -3.95 -22.14
C SER D 254 -3.01 -4.55 -20.90
N SER D 255 -2.29 -4.54 -19.78
CA SER D 255 -2.84 -5.02 -18.50
C SER D 255 -3.18 -3.87 -17.57
N LEU D 256 -4.37 -3.93 -16.96
CA LEU D 256 -4.79 -2.91 -16.00
C LEU D 256 -4.04 -3.04 -14.68
N TRP D 257 -3.55 -4.25 -14.38
CA TRP D 257 -2.80 -4.51 -13.17
C TRP D 257 -1.42 -3.84 -13.19
N THR D 258 -0.89 -3.62 -14.40
CA THR D 258 0.34 -2.88 -14.57
C THR D 258 0.17 -1.46 -14.04
N THR D 259 -0.90 -0.79 -14.45
CA THR D 259 -1.17 0.60 -14.04
C THR D 259 -1.30 0.75 -12.52
N LEU D 260 -1.88 -0.26 -11.87
CA LEU D 260 -1.98 -0.30 -10.41
C LEU D 260 -0.59 -0.32 -9.76
N LEU D 261 0.32 -1.10 -10.35
CA LEU D 261 1.66 -1.28 -9.80
C LEU D 261 2.62 -0.12 -10.10
N ILE D 262 2.28 0.72 -11.07
CA ILE D 262 3.13 1.88 -11.34
C ILE D 262 2.77 3.09 -10.47
N ARG D 263 1.51 3.16 -10.04
CA ARG D 263 1.08 4.19 -9.09
C ARG D 263 1.98 4.16 -7.85
N ASN D 264 2.28 5.35 -7.33
CA ASN D 264 3.14 5.48 -6.17
C ASN D 264 2.51 6.45 -5.17
N PRO D 265 1.52 5.99 -4.41
CA PRO D 265 0.85 6.84 -3.42
C PRO D 265 1.79 7.32 -2.31
N SER D 266 2.80 6.51 -1.97
CA SER D 266 3.78 6.87 -0.95
C SER D 266 4.56 8.12 -1.37
N ARG D 267 4.93 8.17 -2.65
CA ARG D 267 5.59 9.32 -3.22
C ARG D 267 4.69 10.55 -3.14
N LYS D 268 3.42 10.39 -3.53
CA LYS D 268 2.45 11.49 -3.47
C LYS D 268 2.26 12.02 -2.05
N ILE D 269 2.26 11.12 -1.06
CA ILE D 269 2.15 11.51 0.34
C ILE D 269 3.34 12.37 0.76
N LEU D 270 4.55 11.90 0.46
CA LEU D 270 5.78 12.64 0.75
C LEU D 270 5.74 14.03 0.12
N GLU D 271 5.29 14.09 -1.13
CA GLU D 271 5.19 15.36 -1.84
C GLU D 271 4.15 16.29 -1.22
N PHE D 272 3.02 15.72 -0.80
CA PHE D 272 1.97 16.49 -0.13
C PHE D 272 2.45 17.05 1.20
N LEU D 273 3.16 16.23 1.97
CA LEU D 273 3.70 16.65 3.27
C LEU D 273 4.70 17.79 3.14
N TYR D 274 5.51 17.76 2.10
CA TYR D 274 6.42 18.86 1.81
C TYR D 274 5.64 20.12 1.43
N SER D 275 4.63 19.95 0.58
CA SER D 275 3.58 20.95 0.34
C SER D 275 2.64 20.56 -0.80
PA NDP E . -14.84 -30.13 8.55
O1A NDP E . -14.02 -31.10 7.87
O2A NDP E . -16.28 -29.99 8.15
O5B NDP E . -14.75 -30.45 10.04
C5B NDP E . -15.60 -29.71 11.06
C4B NDP E . -15.55 -30.47 12.36
O4B NDP E . -16.26 -29.68 13.46
C3B NDP E . -16.20 -31.80 12.26
O3B NDP E . -15.18 -32.67 13.06
C2B NDP E . -17.29 -31.83 13.01
O2B NDP E . -17.64 -33.14 13.62
C1B NDP E . -17.28 -30.55 13.98
N9A NDP E . -18.53 -30.01 14.27
C8A NDP E . -19.55 -29.72 13.44
N7A NDP E . -20.58 -29.22 14.30
C5A NDP E . -20.11 -29.27 15.44
C6A NDP E . -20.68 -28.89 16.89
N6A NDP E . -21.89 -28.42 16.99
N1A NDP E . -19.94 -29.07 18.02
C2A NDP E . -18.71 -29.56 17.96
N3A NDP E . -18.14 -29.92 16.62
C4A NDP E . -18.95 -29.73 15.39
O3 NDP E . -14.21 -28.73 8.50
PN NDP E . -12.81 -28.28 7.70
O1N NDP E . -11.72 -29.16 8.09
O2N NDP E . -13.13 -28.01 6.33
O5D NDP E . -12.57 -26.84 8.42
C5D NDP E . -11.94 -26.77 9.68
C4D NDP E . -11.71 -25.27 10.07
O4D NDP E . -10.89 -24.61 9.07
C3D NDP E . -12.96 -24.56 10.13
O3D NDP E . -12.76 -23.71 11.39
C2D NDP E . -13.00 -23.59 9.12
O2D NDP E . -13.53 -22.36 9.50
C1D NDP E . -11.64 -23.52 8.56
N1N NDP E . -11.56 -23.28 7.14
C2N NDP E . -11.59 -24.39 6.18
C3N NDP E . -11.53 -24.09 4.87
C7N NDP E . -11.56 -25.12 3.89
O7N NDP E . -11.53 -24.80 2.72
N7N NDP E . -11.64 -26.41 4.28
C4N NDP E . -11.43 -22.70 4.44
C5N NDP E . -11.40 -21.68 5.35
C6N NDP E . -11.47 -21.97 6.71
P2B NDP E . -19.16 -33.49 13.99
O1X NDP E . -19.13 -34.95 14.24
O2X NDP E . -19.43 -32.69 15.18
O3X NDP E . -19.98 -33.10 12.80
C1 CPS F . -16.32 -25.01 3.24
C2 CPS F . -16.65 -23.48 3.27
C3 CPS F . -15.01 -23.13 1.21
C4 CPS F . -14.00 -22.16 0.56
C5 CPS F . -14.59 -20.69 0.47
C6 CPS F . -14.82 -20.23 1.91
C7 CPS F . -15.03 -18.68 1.83
C8 CPS F . -14.08 -18.26 0.65
C9 CPS F . -13.60 -19.62 -0.04
C10 CPS F . -15.92 -20.73 -0.36
C11 CPS F . -17.97 -23.27 2.52
C12 CPS F . -15.14 -25.40 4.19
C13 CPS F . -15.46 -25.04 5.63
C14 CPS F . -15.65 -23.50 5.73
C15 CPS F . -16.81 -23.01 4.79
C16 CPS F . -17.03 -21.45 4.93
C17 CPS F . -15.97 -20.60 4.13
C18 CPS F . -15.85 -21.07 2.69
C19 CPS F . -15.51 -22.62 2.65
C20 CPS F . -13.40 -19.49 -1.62
C21 CPS F . -12.82 -20.78 -2.28
C22 CPS F . -12.60 -18.23 -2.04
C23 CPS F . -11.13 -18.31 -1.59
C24 CPS F . -10.29 -17.19 -2.18
C25 CPS F . -8.02 -16.67 -3.15
C26 CPS F . -8.47 -15.99 -4.44
C27 CPS F . -8.00 -16.75 -5.68
C28 CPS F . -9.51 -15.58 -7.24
C29 CPS F . -7.31 -14.66 -6.85
C30 CPS F . -7.59 -16.73 -8.13
C31 CPS F . -6.17 -17.32 -7.88
C32 CPS F . -6.06 -18.73 -8.45
N1 CPS F . -9.05 -17.57 -2.57
N2 CPS F . -8.09 -15.92 -6.98
O1 CPS F . -10.73 -16.01 -2.27
O2 CPS F . -14.38 -25.41 6.47
O3 CPS F . -14.66 -20.62 4.76
O4 CPS F . -12.76 -22.25 1.27
O2S CPS F . -4.81 -20.02 -6.57
O3S CPS F . -4.28 -20.53 -8.89
O1S CPS F . -3.52 -18.44 -7.93
S CPS F . -4.63 -19.45 -7.95
C1 CPS G . 1.62 3.94 2.42
C2 CPS G . 1.97 2.99 3.57
C3 CPS G . 3.74 1.89 2.06
C4 CPS G . 4.60 0.65 1.74
C5 CPS G . 5.03 -0.08 3.01
C6 CPS G . 3.75 -0.48 3.73
C7 CPS G . 4.18 -1.58 4.71
C8 CPS G . 5.25 -2.34 3.92
C9 CPS G . 5.73 -1.41 2.79
C10 CPS G . 6.00 0.80 3.81
C11 CPS G . 2.96 3.77 4.43
C12 CPS G . 0.28 3.67 1.72
C13 CPS G . -0.85 3.66 2.73
C14 CPS G . -0.60 2.54 3.73
C15 CPS G . 0.73 2.72 4.47
C16 CPS G . 0.88 1.54 5.46
C17 CPS G . 1.62 0.31 4.92
C18 CPS G . 2.91 0.71 4.22
C19 CPS G . 2.58 1.67 3.06
O2 CPS G . -2.08 3.41 2.06
O3 CPS G . 0.76 -0.40 4.03
O4 CPS G . 3.88 -0.21 0.87
PA NDP H . -23.78 6.39 23.45
O1A NDP H . -23.83 7.84 23.51
O2A NDP H . -23.43 5.68 24.52
O5B NDP H . -25.16 5.91 22.98
C5B NDP H . -25.54 4.50 22.95
C4B NDP H . -27.12 4.42 22.81
O4B NDP H . -27.56 3.02 22.66
C3B NDP H . -27.78 5.01 24.00
O3B NDP H . -28.89 5.84 23.35
C2B NDP H . -28.42 4.08 24.65
O2B NDP H . -29.64 4.46 25.22
C1B NDP H . -28.46 2.77 23.70
N9A NDP H . -28.40 1.50 24.37
C8A NDP H . -27.56 1.11 25.34
N7A NDP H . -27.96 -0.16 25.65
C5A NDP H . -28.93 -0.38 24.88
C6A NDP H . -29.91 -1.64 24.66
N6A NDP H . -29.72 -2.79 25.42
N1A NDP H . -30.93 -1.59 23.75
C2A NDP H . -31.13 -0.48 22.98
N3A NDP H . -30.28 0.65 23.16
C4A NDP H . -29.13 0.59 24.20
O3 NDP H . -22.82 5.89 22.25
PN NDP H . -21.99 6.75 21.29
O1N NDP H . -22.82 7.78 20.71
O2N NDP H . -20.70 7.05 21.90
O5D NDP H . -21.71 5.70 20.19
C5D NDP H . -22.68 5.42 19.13
C4D NDP H . -22.06 4.36 18.16
O4D NDP H . -20.80 4.90 17.55
C3D NDP H . -21.74 3.14 18.85
O3D NDP H . -22.23 2.12 17.84
C2D NDP H . -20.35 2.95 18.85
O2D NDP H . -19.91 1.61 18.63
C1D NDP H . -19.75 4.02 17.83
N1N NDP H . -18.58 4.51 18.23
C2N NDP H . -18.44 5.57 19.05
C3N NDP H . -17.13 5.98 19.40
C7N NDP H . -16.93 7.14 20.30
O7N NDP H . -15.77 7.47 20.59
N7N NDP H . -18.03 7.80 20.76
C4N NDP H . -15.91 5.26 18.85
C5N NDP H . -16.06 4.20 18.04
C6N NDP H . -17.35 3.79 17.69
P2B NDP H . -30.19 3.66 26.60
O1X NDP H . -31.22 4.57 27.13
O2X NDP H . -30.70 2.43 26.05
O3X NDP H . -28.96 3.48 27.55
C1 CPS I . -16.55 4.55 24.33
C2 CPS I . -15.66 3.35 23.84
C3 CPS I . -13.76 5.07 23.13
C4 CPS I . -12.58 5.32 22.14
C5 CPS I . -11.70 4.02 21.95
C6 CPS I . -12.57 2.94 21.37
C7 CPS I . -11.59 1.82 20.88
C8 CPS I . -10.36 2.65 20.37
C9 CPS I . -10.62 4.14 20.86
C10 CPS I . -11.08 3.63 23.34
C11 CPS I . -14.98 2.72 25.08
C12 CPS I . -17.52 5.09 23.22
C13 CPS I . -18.45 4.00 22.71
C14 CPS I . -17.63 2.82 22.14
C15 CPS I . -16.61 2.25 23.19
C16 CPS I . -15.81 1.04 22.59
C17 CPS I . -14.64 1.48 21.63
C18 CPS I . -13.74 2.51 22.28
C19 CPS I . -14.60 3.77 22.76
C20 CPS I . -9.30 4.97 21.23
C21 CPS I . -9.57 6.47 21.54
C22 CPS I . -8.17 4.84 20.18
C23 CPS I . -8.64 5.28 18.79
C24 CPS I . -7.48 5.43 17.81
C25 CPS I . -6.54 7.05 16.08
C26 CPS I . -5.11 6.62 16.25
C27 CPS I . -4.42 7.38 17.38
C28 CPS I . -2.10 7.60 18.07
C29 CPS I . -2.54 7.27 15.76
C30 CPS I . -3.12 9.40 16.73
C31 CPS I . -3.49 10.25 17.99
C32 CPS I . -3.08 11.71 17.79
N1 CPS I . -7.49 6.60 17.11
N2 CPS I . -3.05 7.92 16.99
O1 CPS I . -6.64 4.53 17.71
O2 CPS I . -19.26 4.53 21.69
O3 CPS I . -15.15 1.97 20.38
O4 CPS I . -13.12 5.77 20.90
O2S CPS I . -5.30 12.58 18.80
O3S CPS I . -3.40 12.31 20.29
O1S CPS I . -3.43 14.10 18.67
S CPS I . -3.82 12.70 18.93
PA NDP J . 28.56 18.93 0.37
O1A NDP J . 28.90 19.04 1.72
O2A NDP J . 28.30 20.11 -0.41
O5B NDP J . 29.63 18.14 -0.28
C5B NDP J . 29.69 17.94 -1.76
C4B NDP J . 31.20 17.56 -2.12
O4B NDP J . 31.36 17.33 -3.58
C3B NDP J . 32.11 18.61 -1.71
O3B NDP J . 33.30 17.76 -0.97
C2B NDP J . 32.71 19.14 -2.77
O2B NDP J . 34.15 19.48 -2.59
C1B NDP J . 32.37 18.22 -4.01
N9A NDP J . 32.18 18.90 -5.24
C8A NDP J . 31.46 20.03 -5.50
N7A NDP J . 31.63 20.28 -6.85
C5A NDP J . 32.39 19.40 -7.25
C6A NDP J . 33.01 19.06 -8.65
N6A NDP J . 32.72 19.86 -9.71
N1A NDP J . 33.82 18.00 -8.80
C2A NDP J . 34.15 17.09 -7.59
N3A NDP J . 33.66 17.34 -6.47
C4A NDP J . 32.68 18.62 -6.28
O3 NDP J . 27.29 17.96 0.16
PN NDP J . 26.62 16.98 1.20
O1N NDP J . 27.62 16.29 2.01
O2N NDP J . 25.45 17.71 1.86
O5D NDP J . 25.99 15.97 0.25
C5D NDP J . 26.72 14.71 -0.18
C4D NDP J . 25.82 13.86 -0.97
O4D NDP J . 24.59 13.49 -0.12
C3D NDP J . 25.32 14.54 -2.21
O3D NDP J . 25.42 13.44 -3.21
C2D NDP J . 23.89 14.75 -2.09
O2D NDP J . 23.14 14.56 -3.24
C1D NDP J . 23.43 13.93 -0.84
N1N NDP J . 22.36 14.51 -0.08
C2N NDP J . 22.59 15.31 0.90
C3N NDP J . 21.49 15.87 1.61
C7N NDP J . 21.71 16.78 2.71
O7N NDP J . 20.73 17.21 3.31
N7N NDP J . 22.96 17.12 3.05
C4N NDP J . 20.10 15.50 1.21
C5N NDP J . 19.90 14.68 0.24
C6N NDP J . 21.02 14.14 -0.45
P2B NDP J . 34.85 20.65 -3.39
O1X NDP J . 36.04 20.74 -2.73
O2X NDP J . 34.94 20.20 -4.68
O3X NDP J . 33.98 21.85 -3.25
C1 CPS K . 21.36 20.84 0.13
C2 CPS K . 20.20 20.48 -0.84
C3 CPS K . 18.67 20.06 1.29
C4 CPS K . 17.46 19.26 1.83
C5 CPS K . 16.28 19.22 0.77
C6 CPS K . 16.80 18.49 -0.46
C7 CPS K . 15.55 18.14 -1.30
C8 CPS K . 14.47 17.86 -0.22
C9 CPS K . 15.11 18.33 1.15
C10 CPS K . 15.82 20.71 0.48
C11 CPS K . 19.57 21.82 -1.33
C12 CPS K . 22.26 19.61 0.47
C13 CPS K . 22.87 18.99 -0.80
C14 CPS K . 21.77 18.54 -1.75
C15 CPS K . 20.78 19.70 -2.11
C16 CPS K . 19.67 19.20 -3.09
C17 CPS K . 18.48 18.43 -2.38
C18 CPS K . 17.95 19.21 -1.17
C19 CPS K . 19.13 19.56 -0.17
C20 CPS K . 14.04 18.91 2.19
C21 CPS K . 14.63 19.24 3.58
C22 CPS K . 12.81 18.00 2.34
C23 CPS K . 13.17 16.60 2.89
C24 CPS K . 11.95 15.76 3.19
C25 CPS K . 10.97 14.17 4.83
C26 CPS K . 9.68 14.88 5.06
C27 CPS K . 9.50 15.27 6.51
C28 CPS K . 7.58 16.80 6.11
C29 CPS K . 7.20 14.46 6.52
C30 CPS K . 7.93 15.83 8.33
C31 CPS K . 9.04 16.73 8.91
C32 CPS K . 9.10 16.63 10.42
N1 CPS K . 12.02 15.06 4.34
N2 CPS K . 8.06 15.60 6.87
O1 CPS K . 10.97 15.72 2.41
O2 CPS K . 23.63 17.87 -0.43
O3 CPS K . 18.87 17.08 -1.98
O4 CPS K . 17.88 17.94 2.22
O2S CPS K . 9.61 19.14 10.71
O3S CPS K . 10.24 17.62 12.49
O1S CPS K . 11.49 17.62 10.42
S CPS K . 10.13 17.78 11.02
C1 CPS L . -2.34 -2.38 -2.27
C2 CPS L . -1.17 -3.21 -2.81
C3 CPS L . -0.50 -3.81 -0.39
C4 CPS L . 0.60 -4.27 0.60
C5 CPS L . 1.58 -5.24 -0.06
C6 CPS L . 2.17 -4.51 -1.27
C7 CPS L . 3.46 -5.25 -1.59
C8 CPS L . 3.97 -5.72 -0.24
C9 CPS L . 2.81 -5.57 0.76
C10 CPS L . 0.83 -6.54 -0.37
C11 CPS L . -1.77 -4.56 -3.21
C12 CPS L . -2.04 -0.89 -2.08
C13 CPS L . -1.53 -0.24 -3.37
C14 CPS L . -0.35 -1.02 -3.94
C15 CPS L . -0.61 -2.53 -4.09
C16 CPS L . 0.65 -3.21 -4.66
C17 CPS L . 1.73 -3.58 -3.63
C18 CPS L . 1.14 -4.22 -2.37
C19 CPS L . -0.02 -3.37 -1.80
O2 CPS L . -1.11 1.08 -3.06
O3 CPS L . 2.49 -2.41 -3.29
O4 CPS L . 1.27 -3.13 1.14
PA NDP M . 9.70 5.10 -32.73
O1A NDP M . 8.53 4.54 -33.46
O2A NDP M . 10.97 4.58 -32.93
O5B NDP M . 9.72 6.55 -33.03
C5B NDP M . 10.89 7.54 -32.45
C4B NDP M . 10.86 8.83 -33.30
O4B NDP M . 11.84 9.84 -32.83
C3B NDP M . 11.15 8.52 -34.73
O3B NDP M . 9.97 9.26 -35.47
C2B NDP M . 12.20 9.11 -35.08
O2B NDP M . 12.16 9.71 -36.44
C1B NDP M . 12.63 10.14 -33.90
N9A NDP M . 14.08 10.22 -33.65
C8A NDP M . 14.97 9.21 -33.53
N7A NDP M . 16.18 9.84 -33.33
C5A NDP M . 15.91 11.03 -33.35
C6A NDP M . 16.76 12.34 -33.19
N6A NDP M . 18.20 12.23 -32.95
N1A NDP M . 16.15 13.68 -33.27
C2A NDP M . 14.71 13.80 -33.51
N3A NDP M . 13.97 12.76 -33.64
C4A NDP M . 14.70 11.18 -33.54
O3 NDP M . 9.40 5.12 -31.11
PN NDP M . 8.02 4.66 -30.40
O1N NDP M . 6.85 5.25 -31.16
O2N NDP M . 8.08 3.29 -30.19
O5D NDP M . 8.13 5.36 -29.04
C5D NDP M . 7.83 6.74 -28.87
C4D NDP M . 7.96 7.12 -27.41
O4D NDP M . 7.06 6.21 -26.52
C3D NDP M . 9.34 7.01 -26.95
O3D NDP M . 9.50 8.29 -26.17
C2D NDP M . 9.46 6.03 -25.96
O2D NDP M . 10.31 6.34 -24.90
C1D NDP M . 7.95 5.57 -25.53
N1N NDP M . 7.80 4.29 -25.32
C2N NDP M . 7.46 3.40 -26.28
C3N NDP M . 7.33 2.00 -25.94
C7N NDP M . 6.98 1.01 -26.92
O7N NDP M . 6.86 -0.17 -26.56
N7N NDP M . 6.79 1.41 -28.18
C4N NDP M . 7.55 1.58 -24.52
C5N NDP M . 7.87 2.46 -23.61
C6N NDP M . 8.00 3.86 -23.99
P2B NDP M . 13.57 9.70 -37.34
O1X NDP M . 13.12 9.88 -38.66
O2X NDP M . 14.22 10.68 -36.87
O3X NDP M . 14.22 8.41 -37.10
C1 CPS N . 11.43 -0.27 -27.87
C2 CPS N . 12.12 -0.29 -26.48
C3 CPS N . 10.39 -2.14 -25.70
C4 CPS N . 9.51 -2.66 -24.51
C5 CPS N . 10.37 -2.81 -23.21
C6 CPS N . 10.88 -1.43 -22.85
C7 CPS N . 11.40 -1.55 -21.41
C8 CPS N . 10.42 -2.54 -20.75
C9 CPS N . 9.56 -3.15 -21.95
C10 CPS N . 11.53 -3.85 -23.46
C11 CPS N . 13.36 -1.19 -26.58
C12 CPS N . 10.40 0.87 -28.04
C13 CPS N . 11.06 2.23 -27.83
C14 CPS N . 11.57 2.31 -26.40
C15 CPS N . 12.61 1.19 -26.10
C16 CPS N . 13.15 1.30 -24.62
C17 CPS N . 12.23 0.65 -23.53
C18 CPS N . 11.81 -0.78 -23.91
C19 CPS N . 11.13 -0.78 -25.35
C20 CPS N . 9.13 -4.68 -21.73
C21 CPS N . 8.16 -5.22 -22.81
C22 CPS N . 8.56 -4.94 -20.31
C23 CPS N . 7.30 -4.11 -20.01
C24 CPS N . 6.59 -4.60 -18.75
C25 CPS N . 4.38 -5.09 -17.75
C26 CPS N . 4.44 -6.59 -17.57
C27 CPS N . 3.06 -7.18 -17.31
C28 CPS N . 4.51 -9.07 -16.48
C29 CPS N . 2.72 -8.21 -15.15
C30 CPS N . 2.16 -9.48 -17.10
C31 CPS N . 2.39 -9.73 -18.61
C32 CPS N . 1.07 -10.08 -19.28
N1 CPS N . 5.24 -4.66 -18.84
N2 CPS N . 3.13 -8.49 -16.51
O1 CPS N . 7.23 -4.90 -17.73
O2 CPS N . 10.11 3.25 -28.03
O3 CPS N . 11.05 1.46 -23.30
O4 CPS N . 8.38 -1.80 -24.32
O2S CPS N . 2.38 -11.75 -20.80
O3S CPS N . 0.06 -11.24 -21.33
O1S CPS N . 1.78 -9.58 -21.71
S CPS N . 1.34 -10.68 -20.82
#